data_7Y35
#
_entry.id   7Y35
#
_cell.length_a   1.00
_cell.length_b   1.00
_cell.length_c   1.00
_cell.angle_alpha   90.00
_cell.angle_beta   90.00
_cell.angle_gamma   90.00
#
_symmetry.space_group_name_H-M   'P 1'
#
loop_
_entity.id
_entity.type
_entity.pdbx_description
1 polymer 'Parathyroid hormone/parathyroid hormone-related peptide receptor'
2 polymer Abaloparatide
3 polymer 'Isoform Gnas-2 of Guanine nucleotide-binding protein G(s) subunit alpha isoforms short'
4 polymer 'Guanine nucleotide-binding protein G(I)/G(S)/G(T) subunit beta-1'
5 polymer 'Guanine nucleotide-binding protein G(I)/G(S)/G(O) subunit gamma-2'
6 polymer 'NanoBody 35'
#
loop_
_entity_poly.entity_id
_entity_poly.type
_entity_poly.pdbx_seq_one_letter_code
_entity_poly.pdbx_strand_id
1 'polypeptide(L)'
;DADDVMTKEEQIFLLHRAQAQCEKRLKEVLQRPASIMESDKGWTSASTSGKPRKDKASGKLYPESEEDKEAPTGSRYRGR
PCLPEWDHILCWPLGAPGEVVAVPCPDYIYDFNHKGHAYRRCDRNGSWELVPGHNRTWANYSECVKFLTNETREREVFDR
LAMIYTVGYSVSLASLTVAVLILAYFRRLHCTRNYIHMHLFLSFMLRAVSIFVKDAVLYSGATLDEAERLTEEELRAIAQ
APPPPATAAAGYAGCRVAVTFFLYFLATNYYWILVEGLYLHSLIFMAFFSEKKYLWGFTVFGWGLPAVFVAVWVSVRATL
ANTGCWDLSSGNKKWIIQVPILASIVLNFILFINIVRVLATKLRETNAGRCDTRQQYRKLLKSTLVLMPLFGVHYIVFMA
TPYTEVSGTLWQVQMHYEMLFNSFQGFFVAIIYCFCNGEVQAEIKKSWSRWTLALDFKRKARSGSSSYSYGPMVSHTSVT
NVGPRVGLGLPLSPRLLPTATTNGHPQLPGHAKPGTPALETLETTPPAMAAPKDDGFLNGSCSGLDEEASGPERPPALLQ
EEWETVMEFVFTLEDFVGDWEQTAAYNLDQVLEQGGVSSLLQNLAVSVTPIQRIVRSGENALKIDIHVIIPYEGLSADQM
AQIEEVFKVVYPVDDHHFKVILPYGTLVIDGVTPNMLNYFGRPYEGIAVFDGKKITVTGTLWNGNKIIDERLITPDGSML
FRVTINS
;
R
2 'polypeptide(L)' AVSEHQLLHDKGKSIQDLRRRELLEKLL(AIB)KLHT(NH2) P
3 'polypeptide(L)'
;MGCLGNSKTEDQRNEEKAQREANKKIEKQLQKDKQVYRATHRLLLLGAGESGKSTIVKQMRILHVNGFNGDSEKATKVQD
IKNNLKEAIETIVAAMSNLVPPVELANPENQFRVDYILSVMNVPDFDFPPEFYEHAKALWEDEGVRACYERSNEYQLIDC
AQYFLDKIDVIKQADYVPSDQDLLRCRVLTSGIFETKFQVDKVNFHMFDVGAQRDERRKWIQCFNDVTAIIFVVASSSYN
MVIREDNQTNRLQAALKLFDSIWNNKWLRDTSVILFLNKQDLLAEKVLAGKSKIEDYFPEFARYTTPEDATPEPGEDPRV
TRAKYFIRDEFLRISTASGDGRHYCYPHFTCAVDTENIRRVFNDCRDIIQRMHLRQYELL
;
A
4 'polypeptide(L)'
;MHHHHHHLEVLFQGPSELDQLRQEAEQLKNQIRDARKACADATLSQITNNIDPVGRIQMRTRRTLRGHLAKIYAMHWGTD
SRLLVSASQDGKLIIWDSYTTNKVHAIPLRSSWVMTCAYAPSGNYVACGGLDNICSIYNLKTREGNVRVSRELAGHTGYL
SCCRFLDDNQIVTSSGDTTCALWDIETGQQTTTFTGHTGDVMSLSLAPDTRLFVSGACDASAKLWDVREGMCRQTFTGHE
SDINAICFFPNGNAFATGSDDATCRLFDLRADQELMTYSHDNIICGITSVSFSKSGRLLLAGYDDFNCNVWDALKADRAG
VLAGHDNRVSCLGVTDDGMAVATGSWDSFLKIWNGSSGGGGSGGGGSSGVSGWRLFKKIS
;
B
5 'polypeptide(L)' ASNNTASIAQARKLVEQLKMEANIDRIKVSKAAADLMAYCEAHAKEDPLLTPVPASENPFREKKFFCAIL G
6 'polypeptide(L)'
;QVQLQESGGGLVQPGGSLRLSCAASGFTFSNYKMNWVRQAPGKGLEWVSDISQSGASISYTGSVKGRFTISRDNAKNTLY
LQMNSLKPEDTAVYYCARCPAPFTRDCFDVTSTTYAYRGQGTQVTV
;
N
#
# COMPACT_ATOMS: atom_id res chain seq x y z
N VAL A 5 7.66 10.40 -55.70
CA VAL A 5 8.53 9.32 -56.14
C VAL A 5 9.41 9.79 -57.30
N MET A 6 8.96 10.84 -57.99
CA MET A 6 9.65 11.36 -59.16
C MET A 6 10.39 12.63 -58.78
N THR A 7 11.72 12.53 -58.67
CA THR A 7 12.54 13.63 -58.21
C THR A 7 12.90 14.57 -59.35
N LYS A 8 13.36 15.76 -58.97
CA LYS A 8 13.80 16.73 -59.98
C LYS A 8 15.02 16.22 -60.73
N GLU A 9 15.95 15.57 -60.02
CA GLU A 9 17.17 15.09 -60.64
C GLU A 9 16.85 14.04 -61.71
N GLU A 10 15.89 13.17 -61.44
CA GLU A 10 15.52 12.15 -62.42
C GLU A 10 14.92 12.78 -63.67
N GLN A 11 14.07 13.80 -63.51
CA GLN A 11 13.49 14.49 -64.66
C GLN A 11 14.58 15.17 -65.50
N ILE A 12 15.57 15.76 -64.85
CA ILE A 12 16.67 16.37 -65.59
C ILE A 12 17.46 15.31 -66.36
N PHE A 13 17.74 14.18 -65.70
CA PHE A 13 18.46 13.10 -66.37
C PHE A 13 17.71 12.64 -67.63
N LEU A 14 16.41 12.43 -67.52
CA LEU A 14 15.62 12.00 -68.67
C LEU A 14 15.68 13.02 -69.80
N LEU A 15 15.62 14.31 -69.47
CA LEU A 15 15.77 15.35 -70.49
C LEU A 15 17.15 15.29 -71.14
N HIS A 16 18.20 15.06 -70.34
CA HIS A 16 19.53 14.87 -70.92
C HIS A 16 19.56 13.71 -71.89
N ARG A 17 19.02 12.55 -71.47
CA ARG A 17 19.01 11.39 -72.36
C ARG A 17 18.20 11.66 -73.62
N ALA A 18 17.06 12.35 -73.49
CA ALA A 18 16.25 12.67 -74.65
C ALA A 18 17.00 13.58 -75.61
N GLN A 19 17.71 14.57 -75.09
CA GLN A 19 18.50 15.45 -75.94
C GLN A 19 19.57 14.68 -76.70
N ALA A 20 20.27 13.78 -76.00
CA ALA A 20 21.33 13.01 -76.66
C ALA A 20 20.78 12.22 -77.85
N GLN A 21 19.60 11.62 -77.70
CA GLN A 21 18.99 10.90 -78.81
C GLN A 21 18.55 11.86 -79.91
N CYS A 22 17.99 13.01 -79.54
CA CYS A 22 17.60 14.01 -80.53
C CYS A 22 18.81 14.46 -81.35
N GLU A 23 19.94 14.73 -80.69
CA GLU A 23 21.12 15.18 -81.41
C GLU A 23 21.61 14.13 -82.39
N LYS A 24 21.62 12.86 -81.99
CA LYS A 24 22.03 11.80 -82.90
C LYS A 24 21.11 11.70 -84.09
N ARG A 25 19.80 11.80 -83.87
CA ARG A 25 18.85 11.75 -84.98
C ARG A 25 18.98 12.97 -85.88
N LEU A 26 19.22 14.15 -85.30
CA LEU A 26 19.44 15.34 -86.10
C LEU A 26 20.68 15.18 -86.99
N LYS A 27 21.78 14.67 -86.43
CA LYS A 27 22.98 14.44 -87.22
C LYS A 27 22.70 13.56 -88.43
N GLU A 28 21.90 12.49 -88.24
CA GLU A 28 21.55 11.64 -89.37
C GLU A 28 20.76 12.39 -90.42
N VAL A 29 19.83 13.25 -90.01
CA VAL A 29 19.09 14.06 -90.96
C VAL A 29 19.97 15.18 -91.51
N LEU A 30 20.75 15.84 -90.64
CA LEU A 30 21.55 16.97 -91.08
C LEU A 30 22.56 16.59 -92.15
N GLN A 31 23.07 15.35 -92.11
CA GLN A 31 24.01 14.92 -93.13
C GLN A 31 23.32 14.44 -94.40
N ARG A 32 22.00 14.41 -94.41
CA ARG A 32 21.22 13.89 -95.54
C ARG A 32 20.08 14.84 -95.85
N GLY A 79 15.28 18.89 -100.36
CA GLY A 79 14.09 19.72 -100.40
C GLY A 79 14.19 20.93 -99.50
N ARG A 80 13.05 21.27 -98.88
CA ARG A 80 12.94 22.39 -97.96
C ARG A 80 12.08 22.00 -96.77
N PRO A 81 12.34 20.85 -96.15
CA PRO A 81 11.65 20.54 -94.88
C PRO A 81 12.24 21.31 -93.71
N CYS A 82 11.52 21.35 -92.59
CA CYS A 82 12.07 21.93 -91.38
C CYS A 82 12.76 20.85 -90.56
N LEU A 83 14.05 21.04 -90.30
CA LEU A 83 14.84 19.98 -89.69
C LEU A 83 14.45 19.80 -88.22
N PRO A 84 14.69 18.62 -87.65
CA PRO A 84 14.34 18.39 -86.26
C PRO A 84 15.18 19.26 -85.33
N GLU A 85 14.63 19.52 -84.14
CA GLU A 85 15.27 20.45 -83.21
C GLU A 85 14.88 20.08 -81.79
N TRP A 86 15.77 20.42 -80.86
CA TRP A 86 15.57 20.17 -79.43
C TRP A 86 15.21 21.49 -78.76
N ASP A 87 13.99 21.57 -78.21
CA ASP A 87 13.47 22.80 -77.64
C ASP A 87 13.55 22.81 -76.11
N HIS A 88 14.45 22.01 -75.54
CA HIS A 88 14.71 21.78 -74.12
C HIS A 88 13.75 20.77 -73.50
N ILE A 89 12.57 20.53 -74.06
CA ILE A 89 11.65 19.56 -73.49
C ILE A 89 11.39 18.40 -74.45
N LEU A 90 11.20 18.69 -75.73
CA LEU A 90 10.90 17.65 -76.70
C LEU A 90 11.67 17.88 -77.99
N CYS A 91 11.89 16.78 -78.71
CA CYS A 91 12.59 16.79 -79.99
C CYS A 91 11.58 16.86 -81.13
N TRP A 92 11.61 17.94 -81.87
CA TRP A 92 10.68 18.04 -82.99
C TRP A 92 11.19 17.24 -84.18
N PRO A 93 10.29 16.53 -84.88
CA PRO A 93 10.73 15.72 -86.02
C PRO A 93 10.94 16.55 -87.28
N LEU A 94 11.47 15.92 -88.32
CA LEU A 94 11.48 16.55 -89.63
C LEU A 94 10.06 16.84 -90.07
N GLY A 95 9.82 18.07 -90.53
CA GLY A 95 8.53 18.45 -91.04
C GLY A 95 8.57 18.99 -92.45
N ALA A 96 7.45 18.87 -93.17
CA ALA A 96 7.40 19.39 -94.54
C ALA A 96 6.97 20.85 -94.52
N PRO A 97 7.33 21.62 -95.54
CA PRO A 97 6.93 23.03 -95.59
C PRO A 97 5.41 23.19 -95.65
N GLY A 98 4.89 24.06 -94.78
CA GLY A 98 3.47 24.34 -94.74
C GLY A 98 2.66 23.49 -93.80
N GLU A 99 3.26 22.46 -93.20
CA GLU A 99 2.56 21.59 -92.27
C GLU A 99 2.48 22.22 -90.89
N VAL A 100 1.47 21.83 -90.12
CA VAL A 100 1.45 22.02 -88.69
C VAL A 100 1.74 20.69 -88.00
N VAL A 101 2.94 20.56 -87.46
CA VAL A 101 3.50 19.28 -87.06
C VAL A 101 3.00 18.95 -85.66
N ALA A 102 2.31 17.81 -85.53
CA ALA A 102 1.74 17.38 -84.26
C ALA A 102 2.57 16.23 -83.71
N VAL A 103 3.13 16.44 -82.52
CA VAL A 103 4.04 15.49 -81.89
C VAL A 103 3.38 15.03 -80.58
N PRO A 104 3.17 13.73 -80.38
CA PRO A 104 2.61 13.28 -79.10
C PRO A 104 3.44 13.78 -77.93
N CYS A 105 2.75 14.12 -76.85
CA CYS A 105 3.44 14.61 -75.66
C CYS A 105 4.51 13.61 -75.23
N PRO A 106 5.72 14.07 -74.89
CA PRO A 106 6.78 13.13 -74.50
C PRO A 106 6.38 12.21 -73.36
N ASP A 107 6.85 10.95 -73.44
CA ASP A 107 6.55 9.98 -72.39
C ASP A 107 7.49 10.13 -71.20
N TYR A 108 8.55 10.92 -71.36
CA TYR A 108 9.54 11.06 -70.30
C TYR A 108 9.38 12.32 -69.47
N ILE A 109 8.31 13.09 -69.68
CA ILE A 109 8.01 14.26 -68.88
C ILE A 109 6.85 13.90 -67.96
N TYR A 110 7.13 13.77 -66.67
CA TYR A 110 6.20 13.13 -65.75
C TYR A 110 4.82 13.79 -65.77
N ASP A 111 4.76 15.12 -65.75
CA ASP A 111 3.53 15.83 -65.48
C ASP A 111 2.72 16.17 -66.73
N PHE A 112 3.14 15.69 -67.90
CA PHE A 112 2.44 16.03 -69.13
C PHE A 112 1.35 15.00 -69.44
N ASN A 113 0.36 15.45 -70.20
CA ASN A 113 -0.74 14.58 -70.64
C ASN A 113 -0.20 13.67 -71.72
N HIS A 114 -0.13 12.37 -71.44
CA HIS A 114 0.43 11.41 -72.37
C HIS A 114 -0.45 11.15 -73.58
N LYS A 115 -1.64 11.74 -73.63
CA LYS A 115 -2.54 11.56 -74.76
C LYS A 115 -2.62 12.79 -75.65
N GLY A 116 -1.92 13.88 -75.30
CA GLY A 116 -1.98 15.11 -76.04
C GLY A 116 -0.91 15.19 -77.12
N HIS A 117 -0.98 16.27 -77.90
CA HIS A 117 0.02 16.56 -78.91
C HIS A 117 0.49 18.00 -78.78
N ALA A 118 1.77 18.21 -79.05
CA ALA A 118 2.34 19.54 -79.21
C ALA A 118 2.40 19.88 -80.70
N TYR A 119 2.21 21.16 -81.02
CA TYR A 119 2.13 21.59 -82.41
C TYR A 119 3.17 22.66 -82.72
N ARG A 120 3.79 22.52 -83.88
CA ARG A 120 4.82 23.43 -84.35
C ARG A 120 4.62 23.66 -85.85
N ARG A 121 4.64 24.92 -86.25
CA ARG A 121 4.37 25.31 -87.63
C ARG A 121 5.67 25.36 -88.42
N CYS A 122 5.66 24.70 -89.57
CA CYS A 122 6.80 24.66 -90.47
C CYS A 122 6.55 25.60 -91.64
N ASP A 123 7.37 26.64 -91.75
CA ASP A 123 7.15 27.66 -92.78
C ASP A 123 7.44 27.10 -94.17
N ARG A 124 6.82 27.73 -95.17
CA ARG A 124 6.97 27.25 -96.54
C ARG A 124 8.38 27.47 -97.04
N ASN A 125 9.17 28.29 -96.35
CA ASN A 125 10.52 28.61 -96.81
C ASN A 125 11.55 27.66 -96.21
N GLY A 126 11.10 26.58 -95.59
CA GLY A 126 11.99 25.54 -95.13
C GLY A 126 12.59 25.84 -93.77
N SER A 127 11.86 26.62 -92.96
CA SER A 127 12.25 26.95 -91.60
C SER A 127 11.02 26.94 -90.71
N TRP A 128 11.23 26.78 -89.41
CA TRP A 128 10.11 26.77 -88.47
C TRP A 128 9.53 28.16 -88.34
N GLU A 129 8.20 28.25 -88.32
CA GLU A 129 7.52 29.55 -88.32
C GLU A 129 7.97 30.38 -87.13
N LEU A 130 8.19 31.68 -87.38
CA LEU A 130 8.58 32.62 -86.35
C LEU A 130 7.39 33.33 -85.74
N VAL A 131 7.53 33.72 -84.48
CA VAL A 131 6.52 34.52 -83.79
C VAL A 131 6.74 35.99 -84.16
N PRO A 132 5.73 36.69 -84.68
CA PRO A 132 5.92 38.09 -85.05
C PRO A 132 6.43 38.92 -83.88
N GLY A 133 7.43 39.75 -84.16
CA GLY A 133 7.96 40.69 -83.19
C GLY A 133 8.91 40.10 -82.17
N HIS A 134 9.19 38.80 -82.25
CA HIS A 134 10.02 38.13 -81.25
C HIS A 134 11.04 37.25 -81.96
N ASN A 135 12.21 37.13 -81.35
CA ASN A 135 13.27 36.26 -81.86
C ASN A 135 13.09 34.83 -81.33
N ARG A 136 12.02 34.19 -81.80
CA ARG A 136 11.65 32.86 -81.36
C ARG A 136 10.79 32.21 -82.43
N THR A 137 10.76 30.88 -82.43
CA THR A 137 9.84 30.15 -83.29
C THR A 137 8.50 29.95 -82.59
N TRP A 138 7.46 29.69 -83.39
CA TRP A 138 6.12 29.46 -82.85
C TRP A 138 5.95 28.02 -82.40
N ALA A 139 5.26 27.85 -81.28
CA ALA A 139 4.82 26.53 -80.83
C ALA A 139 3.63 26.70 -79.91
N ASN A 140 2.85 25.63 -79.77
CA ASN A 140 1.74 25.57 -78.84
C ASN A 140 1.80 24.23 -78.10
N TYR A 141 2.01 24.29 -76.78
CA TYR A 141 2.14 23.10 -75.95
C TYR A 141 0.92 22.86 -75.07
N SER A 142 -0.18 23.58 -75.32
CA SER A 142 -1.26 23.63 -74.34
C SER A 142 -1.84 22.25 -74.04
N GLU A 143 -1.91 21.38 -75.05
CA GLU A 143 -2.56 20.08 -74.84
C GLU A 143 -1.79 19.24 -73.82
N CYS A 144 -0.52 19.55 -73.59
CA CYS A 144 0.29 18.71 -72.71
C CYS A 144 0.26 19.21 -71.26
N VAL A 145 -0.09 20.49 -71.07
CA VAL A 145 0.24 21.19 -69.83
C VAL A 145 -1.03 21.73 -69.16
N LYS A 146 -2.13 21.84 -69.91
CA LYS A 146 -3.36 22.44 -69.39
C LYS A 146 -3.91 21.63 -68.23
N PHE A 147 -3.41 20.42 -68.50
CA PHE A 147 -3.51 19.09 -67.95
C PHE A 147 -3.18 19.12 -66.52
N LEU A 148 -2.04 19.73 -66.20
CA LEU A 148 -1.40 19.62 -64.88
C LEU A 148 -1.68 20.87 -63.99
N THR A 149 -2.51 21.78 -64.48
CA THR A 149 -2.86 22.99 -63.85
C THR A 149 -3.79 22.71 -62.67
N ASN A 150 -3.31 21.99 -61.68
CA ASN A 150 -4.14 21.53 -60.56
C ASN A 150 -4.44 22.48 -59.37
N GLU A 151 -3.49 23.39 -59.09
CA GLU A 151 -3.41 24.40 -57.98
C GLU A 151 -3.07 23.92 -56.53
N THR A 152 -1.93 24.36 -56.00
CA THR A 152 -1.45 23.89 -54.70
C THR A 152 -2.27 24.48 -53.61
N ARG A 153 -2.77 23.68 -52.70
CA ARG A 153 -3.46 24.29 -51.58
C ARG A 153 -3.04 23.64 -50.31
N GLU A 154 -2.60 22.41 -50.45
CA GLU A 154 -2.29 21.54 -49.37
C GLU A 154 -1.14 21.98 -48.55
N ARG A 155 -0.47 23.06 -48.96
CA ARG A 155 0.65 23.57 -48.21
C ARG A 155 0.21 23.90 -46.79
N GLU A 156 -0.89 24.63 -46.66
CA GLU A 156 -1.40 24.97 -45.34
C GLU A 156 -1.78 23.72 -44.57
N VAL A 157 -2.50 22.81 -45.22
CA VAL A 157 -2.94 21.61 -44.53
C VAL A 157 -1.73 20.98 -43.86
N PHE A 158 -0.56 21.16 -44.43
CA PHE A 158 0.65 20.62 -43.83
C PHE A 158 1.18 21.53 -42.71
N ASP A 159 1.11 22.85 -42.92
CA ASP A 159 1.51 23.76 -41.84
C ASP A 159 0.58 23.67 -40.65
N ARG A 160 -0.71 23.50 -40.90
CA ARG A 160 -1.67 23.35 -39.81
C ARG A 160 -1.39 22.09 -39.01
N LEU A 161 -1.11 20.98 -39.70
CA LEU A 161 -0.74 19.75 -39.03
C LEU A 161 0.51 19.92 -38.20
N ALA A 162 1.52 20.61 -38.74
CA ALA A 162 2.74 20.84 -38.00
C ALA A 162 2.47 21.62 -36.73
N MET A 163 1.65 22.66 -36.80
CA MET A 163 1.35 23.46 -35.62
C MET A 163 0.61 22.64 -34.58
N ILE A 164 -0.39 21.87 -35.01
CA ILE A 164 -1.16 21.02 -34.11
C ILE A 164 -0.21 20.12 -33.32
N TYR A 165 0.65 19.39 -34.03
CA TYR A 165 1.43 18.42 -33.27
C TYR A 165 2.59 19.07 -32.53
N THR A 166 3.09 20.22 -32.95
CA THR A 166 4.16 20.83 -32.17
C THR A 166 3.63 21.37 -30.85
N VAL A 167 2.42 21.93 -30.85
CA VAL A 167 1.85 22.37 -29.58
C VAL A 167 1.58 21.18 -28.68
N GLY A 168 1.01 20.11 -29.24
CA GLY A 168 0.73 18.93 -28.43
C GLY A 168 1.98 18.34 -27.81
N TYR A 169 3.02 18.17 -28.61
CA TYR A 169 4.24 17.55 -28.11
C TYR A 169 4.97 18.44 -27.12
N SER A 170 4.91 19.77 -27.28
CA SER A 170 5.52 20.64 -26.30
C SER A 170 4.84 20.50 -24.94
N VAL A 171 3.50 20.54 -24.93
CA VAL A 171 2.77 20.39 -23.67
C VAL A 171 3.09 19.04 -23.03
N SER A 172 3.02 17.97 -23.83
CA SER A 172 3.25 16.63 -23.30
C SER A 172 4.66 16.48 -22.77
N LEU A 173 5.66 17.04 -23.46
CA LEU A 173 7.04 16.91 -23.03
C LEU A 173 7.26 17.61 -21.70
N ALA A 174 6.73 18.82 -21.55
CA ALA A 174 6.89 19.53 -20.28
C ALA A 174 6.24 18.75 -19.13
N SER A 175 4.99 18.34 -19.33
CA SER A 175 4.28 17.58 -18.31
C SER A 175 5.03 16.32 -17.94
N LEU A 176 5.59 15.64 -18.92
CA LEU A 176 6.18 14.34 -18.64
C LEU A 176 7.55 14.44 -18.00
N THR A 177 8.33 15.48 -18.32
CA THR A 177 9.53 15.73 -17.53
C THR A 177 9.19 15.98 -16.07
N VAL A 178 8.17 16.81 -15.81
CA VAL A 178 7.76 17.05 -14.43
C VAL A 178 7.33 15.74 -13.76
N ALA A 179 6.64 14.89 -14.51
CA ALA A 179 6.15 13.63 -13.96
C ALA A 179 7.30 12.69 -13.61
N VAL A 180 8.29 12.57 -14.49
CA VAL A 180 9.39 11.65 -14.20
C VAL A 180 10.19 12.14 -13.01
N LEU A 181 10.35 13.46 -12.87
CA LEU A 181 11.04 13.98 -11.69
C LEU A 181 10.27 13.64 -10.41
N ILE A 182 8.95 13.86 -10.43
CA ILE A 182 8.14 13.55 -9.25
C ILE A 182 8.25 12.07 -8.91
N LEU A 183 8.13 11.21 -9.92
CA LEU A 183 8.17 9.77 -9.67
C LEU A 183 9.53 9.32 -9.18
N ALA A 184 10.61 10.00 -9.59
CA ALA A 184 11.94 9.53 -9.23
C ALA A 184 12.39 10.03 -7.87
N TYR A 185 11.95 11.23 -7.46
CA TYR A 185 12.44 11.77 -6.19
C TYR A 185 11.91 10.98 -5.01
N PHE A 186 10.59 10.83 -4.93
CA PHE A 186 9.97 10.21 -3.77
C PHE A 186 10.23 8.72 -3.77
N ARG A 187 10.90 8.23 -2.72
CA ARG A 187 11.30 6.83 -2.67
C ARG A 187 10.12 5.91 -2.39
N ARG A 188 9.07 6.45 -1.78
CA ARG A 188 7.89 5.66 -1.45
C ARG A 188 7.14 5.21 -2.71
N LEU A 189 7.27 5.96 -3.79
CA LEU A 189 6.59 5.64 -5.04
C LEU A 189 7.42 4.78 -5.97
N HIS A 190 8.39 4.03 -5.44
CA HIS A 190 9.20 3.15 -6.26
C HIS A 190 8.60 1.76 -6.19
N CYS A 191 7.83 1.42 -7.22
CA CYS A 191 7.23 0.12 -7.39
C CYS A 191 7.62 -0.42 -8.77
N THR A 192 7.24 -1.66 -9.05
CA THR A 192 7.41 -2.17 -10.41
C THR A 192 6.49 -1.45 -11.37
N ARG A 193 5.27 -1.17 -10.93
CA ARG A 193 4.32 -0.41 -11.73
C ARG A 193 4.89 0.94 -12.10
N ASN A 194 5.47 1.64 -11.15
CA ASN A 194 6.04 2.94 -11.42
C ASN A 194 7.31 2.87 -12.25
N TYR A 195 8.01 1.73 -12.24
CA TYR A 195 9.14 1.56 -13.15
C TYR A 195 8.66 1.45 -14.59
N ILE A 196 7.62 0.65 -14.82
CA ILE A 196 7.06 0.57 -16.17
C ILE A 196 6.49 1.92 -16.60
N HIS A 197 5.91 2.66 -15.65
CA HIS A 197 5.44 4.00 -15.97
C HIS A 197 6.59 4.94 -16.35
N MET A 198 7.71 4.86 -15.63
CA MET A 198 8.87 5.66 -15.95
C MET A 198 9.37 5.38 -17.36
N HIS A 199 9.41 4.10 -17.73
CA HIS A 199 9.84 3.75 -19.09
C HIS A 199 8.87 4.28 -20.13
N LEU A 200 7.57 4.21 -19.86
CA LEU A 200 6.59 4.77 -20.79
C LEU A 200 6.77 6.27 -20.96
N PHE A 201 7.00 6.98 -19.86
CA PHE A 201 7.19 8.42 -19.94
C PHE A 201 8.44 8.77 -20.73
N LEU A 202 9.52 8.02 -20.51
CA LEU A 202 10.75 8.24 -21.25
C LEU A 202 10.54 8.03 -22.74
N SER A 203 9.80 6.99 -23.09
CA SER A 203 9.50 6.74 -24.50
C SER A 203 8.73 7.89 -25.12
N PHE A 204 7.73 8.40 -24.41
CA PHE A 204 6.98 9.56 -24.91
C PHE A 204 7.90 10.75 -25.16
N MET A 205 8.75 11.05 -24.18
CA MET A 205 9.61 12.22 -24.29
C MET A 205 10.58 12.09 -25.46
N LEU A 206 11.13 10.89 -25.65
CA LEU A 206 12.06 10.71 -26.76
C LEU A 206 11.34 10.75 -28.10
N ARG A 207 10.08 10.30 -28.15
CA ARG A 207 9.29 10.45 -29.37
C ARG A 207 9.13 11.91 -29.74
N ALA A 208 8.78 12.73 -28.77
CA ALA A 208 8.62 14.16 -29.02
C ALA A 208 9.92 14.81 -29.47
N VAL A 209 11.02 14.51 -28.78
CA VAL A 209 12.31 15.09 -29.12
C VAL A 209 12.72 14.68 -30.53
N SER A 210 12.45 13.44 -30.90
CA SER A 210 12.86 12.96 -32.22
C SER A 210 12.07 13.62 -33.32
N ILE A 211 10.78 13.87 -33.09
CA ILE A 211 10.00 14.58 -34.09
C ILE A 211 10.52 16.01 -34.26
N PHE A 212 10.87 16.67 -33.15
CA PHE A 212 11.43 18.01 -33.25
C PHE A 212 12.74 18.02 -34.03
N VAL A 213 13.64 17.10 -33.71
CA VAL A 213 14.93 17.06 -34.39
C VAL A 213 14.76 16.72 -35.87
N LYS A 214 13.82 15.83 -36.18
CA LYS A 214 13.58 15.44 -37.56
C LYS A 214 13.09 16.62 -38.39
N ASP A 215 12.05 17.31 -37.93
CA ASP A 215 11.56 18.40 -38.75
C ASP A 215 12.34 19.69 -38.56
N ALA A 216 13.39 19.67 -37.75
CA ALA A 216 14.36 20.77 -37.81
C ALA A 216 15.53 20.46 -38.73
N VAL A 217 15.87 19.19 -38.92
CA VAL A 217 17.01 18.83 -39.75
C VAL A 217 16.61 18.58 -41.20
N LEU A 218 15.46 17.97 -41.42
CA LEU A 218 15.09 17.55 -42.76
C LEU A 218 14.39 18.67 -43.52
N TYR A 219 13.36 19.27 -42.94
CA TYR A 219 12.62 20.33 -43.59
C TYR A 219 13.19 21.70 -43.31
N SER A 220 14.42 21.78 -42.81
CA SER A 220 15.11 23.03 -42.51
C SER A 220 14.30 23.95 -41.60
N ALA A 250 19.50 17.57 -49.28
CA ALA A 250 19.20 16.19 -48.92
C ALA A 250 20.16 15.23 -49.63
N GLY A 251 20.34 14.04 -49.05
CA GLY A 251 21.21 13.04 -49.62
C GLY A 251 22.46 12.85 -48.80
N TYR A 252 22.34 12.99 -47.49
CA TYR A 252 23.51 12.95 -46.61
C TYR A 252 23.26 12.11 -45.38
N ALA A 253 24.21 12.12 -44.45
CA ALA A 253 24.18 11.19 -43.33
C ALA A 253 23.24 11.64 -42.22
N GLY A 254 23.28 12.93 -41.87
CA GLY A 254 22.52 13.40 -40.72
C GLY A 254 21.02 13.33 -40.92
N CYS A 255 20.55 13.61 -42.14
CA CYS A 255 19.16 13.39 -42.48
C CYS A 255 18.74 11.95 -42.21
N ARG A 256 19.58 11.01 -42.61
CA ARG A 256 19.28 9.61 -42.41
C ARG A 256 19.28 9.24 -40.94
N VAL A 257 20.23 9.77 -40.17
CA VAL A 257 20.24 9.50 -38.73
C VAL A 257 18.99 10.04 -38.08
N ALA A 258 18.55 11.23 -38.48
CA ALA A 258 17.33 11.80 -37.94
C ALA A 258 16.13 10.91 -38.21
N VAL A 259 16.01 10.43 -39.45
CA VAL A 259 14.87 9.60 -39.82
C VAL A 259 14.90 8.28 -39.04
N THR A 260 16.10 7.71 -38.90
CA THR A 260 16.23 6.45 -38.17
C THR A 260 15.83 6.61 -36.71
N PHE A 261 16.27 7.69 -36.08
CA PHE A 261 15.91 7.92 -34.69
C PHE A 261 14.42 8.16 -34.54
N PHE A 262 13.82 8.91 -35.47
CA PHE A 262 12.37 9.11 -35.46
C PHE A 262 11.63 7.78 -35.48
N LEU A 263 12.02 6.90 -36.40
CA LEU A 263 11.33 5.62 -36.54
C LEU A 263 11.52 4.75 -35.30
N TYR A 264 12.75 4.66 -34.80
CA TYR A 264 13.01 3.85 -33.62
C TYR A 264 12.21 4.33 -32.42
N PHE A 265 12.12 5.65 -32.23
CA PHE A 265 11.45 6.14 -31.04
C PHE A 265 9.93 6.01 -31.16
N LEU A 266 9.39 6.16 -32.36
CA LEU A 266 8.00 5.76 -32.59
C LEU A 266 7.75 4.33 -32.16
N ALA A 267 8.60 3.41 -32.63
CA ALA A 267 8.40 2.00 -32.35
C ALA A 267 8.46 1.72 -30.85
N THR A 268 9.42 2.32 -30.17
CA THR A 268 9.54 2.08 -28.74
C THR A 268 8.36 2.63 -27.97
N ASN A 269 7.79 3.76 -28.40
CA ASN A 269 6.60 4.24 -27.71
C ASN A 269 5.43 3.28 -27.87
N TYR A 270 5.18 2.84 -29.10
CA TYR A 270 4.09 1.88 -29.31
C TYR A 270 4.30 0.63 -28.47
N TYR A 271 5.54 0.14 -28.42
CA TYR A 271 5.78 -1.09 -27.71
C TYR A 271 5.76 -0.91 -26.20
N TRP A 272 5.97 0.30 -25.70
CA TRP A 272 5.79 0.50 -24.27
C TRP A 272 4.31 0.61 -23.89
N ILE A 273 3.48 1.16 -24.77
CA ILE A 273 2.03 1.05 -24.58
C ILE A 273 1.64 -0.42 -24.47
N LEU A 274 2.15 -1.25 -25.38
CA LEU A 274 1.82 -2.67 -25.35
C LEU A 274 2.35 -3.35 -24.09
N VAL A 275 3.52 -2.92 -23.61
CA VAL A 275 4.08 -3.50 -22.40
C VAL A 275 3.22 -3.20 -21.20
N GLU A 276 2.70 -1.98 -21.09
CA GLU A 276 1.83 -1.70 -19.94
C GLU A 276 0.53 -2.49 -20.01
N GLY A 277 -0.03 -2.64 -21.21
CA GLY A 277 -1.20 -3.49 -21.35
C GLY A 277 -0.93 -4.93 -20.91
N LEU A 278 0.21 -5.47 -21.34
CA LEU A 278 0.58 -6.83 -20.97
C LEU A 278 0.82 -6.96 -19.47
N TYR A 279 1.41 -5.94 -18.85
CA TYR A 279 1.68 -6.01 -17.43
C TYR A 279 0.39 -6.03 -16.63
N LEU A 280 -0.57 -5.19 -17.00
CA LEU A 280 -1.83 -5.20 -16.27
C LEU A 280 -2.57 -6.51 -16.49
N HIS A 281 -2.52 -7.03 -17.72
CA HIS A 281 -3.16 -8.31 -18.03
C HIS A 281 -2.56 -9.44 -17.22
N SER A 282 -1.24 -9.43 -17.02
CA SER A 282 -0.59 -10.48 -16.26
C SER A 282 -0.75 -10.29 -14.75
N LEU A 283 -0.87 -9.05 -14.30
CA LEU A 283 -1.13 -8.81 -12.89
C LEU A 283 -2.52 -9.29 -12.52
N ILE A 284 -3.47 -9.24 -13.44
CA ILE A 284 -4.81 -9.71 -13.14
C ILE A 284 -4.92 -11.21 -13.38
N PHE A 285 -4.63 -11.65 -14.59
CA PHE A 285 -4.95 -13.02 -14.99
C PHE A 285 -3.88 -14.03 -14.62
N MET A 286 -2.67 -13.60 -14.28
CA MET A 286 -1.66 -14.50 -13.75
C MET A 286 -1.45 -14.29 -12.26
N ALA A 287 -1.21 -13.04 -11.85
CA ALA A 287 -1.27 -12.59 -10.45
C ALA A 287 -0.23 -13.24 -9.55
N PHE A 288 0.57 -14.16 -10.11
CA PHE A 288 1.62 -14.86 -9.37
C PHE A 288 2.81 -14.98 -10.31
N PHE A 289 3.70 -14.00 -10.29
CA PHE A 289 4.86 -14.06 -11.16
C PHE A 289 6.01 -13.28 -10.56
N SER A 290 7.23 -13.72 -10.90
CA SER A 290 8.45 -13.09 -10.40
C SER A 290 8.64 -11.73 -11.04
N GLU A 291 8.85 -10.72 -10.19
CA GLU A 291 8.84 -9.34 -10.68
C GLU A 291 10.15 -9.01 -11.40
N LYS A 292 11.26 -9.58 -10.95
CA LYS A 292 12.54 -9.19 -11.53
C LYS A 292 12.71 -9.76 -12.93
N LYS A 293 12.43 -11.05 -13.09
CA LYS A 293 12.55 -11.69 -14.40
C LYS A 293 11.62 -11.01 -15.41
N TYR A 294 10.37 -10.78 -15.01
CA TYR A 294 9.41 -10.14 -15.89
C TYR A 294 9.77 -8.70 -16.17
N LEU A 295 10.34 -8.00 -15.20
CA LEU A 295 10.74 -6.61 -15.41
C LEU A 295 11.88 -6.51 -16.41
N TRP A 296 12.88 -7.39 -16.30
CA TRP A 296 13.96 -7.36 -17.28
C TRP A 296 13.47 -7.80 -18.66
N GLY A 297 12.57 -8.79 -18.71
CA GLY A 297 12.02 -9.21 -19.99
C GLY A 297 11.25 -8.10 -20.67
N PHE A 298 10.45 -7.36 -19.91
CA PHE A 298 9.70 -6.25 -20.48
C PHE A 298 10.61 -5.10 -20.86
N THR A 299 11.67 -4.87 -20.10
CA THR A 299 12.64 -3.85 -20.46
C THR A 299 13.33 -4.18 -21.78
N VAL A 300 13.56 -5.45 -22.05
CA VAL A 300 14.17 -5.81 -23.33
C VAL A 300 13.13 -5.78 -24.45
N PHE A 301 11.90 -6.17 -24.16
CA PHE A 301 10.84 -6.10 -25.16
C PHE A 301 10.53 -4.66 -25.56
N GLY A 302 10.72 -3.71 -24.65
CA GLY A 302 10.33 -2.35 -24.95
C GLY A 302 11.34 -1.57 -25.76
N TRP A 303 12.62 -1.89 -25.62
CA TRP A 303 13.66 -1.20 -26.35
C TRP A 303 14.42 -2.11 -27.30
N GLY A 304 14.12 -3.40 -27.36
CA GLY A 304 14.90 -4.33 -28.12
C GLY A 304 14.33 -4.74 -29.46
N LEU A 305 13.05 -5.08 -29.51
CA LEU A 305 12.45 -5.45 -30.79
C LEU A 305 12.44 -4.28 -31.77
N PRO A 306 12.13 -3.04 -31.33
CA PRO A 306 12.37 -1.90 -32.21
C PRO A 306 13.77 -1.86 -32.79
N ALA A 307 14.79 -2.15 -31.99
CA ALA A 307 16.15 -2.19 -32.52
C ALA A 307 16.26 -3.20 -33.63
N VAL A 308 15.63 -4.37 -33.45
CA VAL A 308 15.72 -5.43 -34.45
C VAL A 308 15.11 -4.97 -35.77
N PHE A 309 13.85 -4.54 -35.76
CA PHE A 309 13.27 -4.29 -37.08
C PHE A 309 13.67 -2.94 -37.68
N VAL A 310 14.07 -1.96 -36.87
CA VAL A 310 14.65 -0.75 -37.45
C VAL A 310 16.04 -1.04 -38.02
N ALA A 311 16.78 -1.98 -37.43
CA ALA A 311 18.03 -2.43 -38.01
C ALA A 311 17.80 -3.12 -39.35
N VAL A 312 16.79 -3.99 -39.43
CA VAL A 312 16.48 -4.62 -40.72
C VAL A 312 16.08 -3.57 -41.74
N TRP A 313 15.36 -2.54 -41.30
CA TRP A 313 14.93 -1.51 -42.24
C TRP A 313 16.10 -0.72 -42.79
N VAL A 314 17.04 -0.31 -41.92
CA VAL A 314 18.19 0.43 -42.43
C VAL A 314 19.07 -0.48 -43.27
N SER A 315 19.06 -1.78 -42.98
CA SER A 315 19.84 -2.71 -43.78
C SER A 315 19.29 -2.84 -45.19
N VAL A 316 17.98 -3.02 -45.31
CA VAL A 316 17.42 -3.13 -46.65
C VAL A 316 17.43 -1.79 -47.38
N ARG A 317 17.35 -0.69 -46.64
CA ARG A 317 17.46 0.63 -47.26
C ARG A 317 18.84 0.81 -47.88
N ALA A 318 19.89 0.71 -47.04
CA ALA A 318 21.25 1.00 -47.46
C ALA A 318 21.76 0.09 -48.56
N THR A 319 21.10 -1.02 -48.85
CA THR A 319 21.50 -1.89 -49.95
C THR A 319 20.58 -1.82 -51.15
N LEU A 320 19.25 -1.88 -50.97
CA LEU A 320 18.38 -1.99 -52.11
C LEU A 320 17.76 -0.66 -52.55
N ALA A 321 17.73 0.36 -51.69
CA ALA A 321 17.23 1.66 -52.13
C ALA A 321 18.31 2.73 -52.09
N ASN A 322 18.84 3.05 -50.91
CA ASN A 322 19.91 4.02 -50.69
C ASN A 322 19.73 5.32 -51.47
N THR A 323 18.49 5.75 -51.64
CA THR A 323 18.18 6.91 -52.48
C THR A 323 17.91 8.10 -51.59
N GLY A 324 18.80 9.09 -51.63
CA GLY A 324 18.68 10.35 -50.95
C GLY A 324 18.46 10.17 -49.46
N CYS A 325 17.80 11.13 -48.85
CA CYS A 325 17.30 10.91 -47.51
C CYS A 325 16.20 9.87 -47.58
N TRP A 326 16.14 9.02 -46.56
CA TRP A 326 15.29 7.86 -46.64
C TRP A 326 13.82 8.19 -46.36
N ASP A 327 13.44 9.47 -46.47
CA ASP A 327 12.09 9.88 -46.12
C ASP A 327 11.07 9.54 -47.18
N LEU A 328 11.47 9.54 -48.45
CA LEU A 328 10.57 9.16 -49.52
C LEU A 328 10.38 7.67 -49.53
N SER A 329 9.13 7.25 -49.64
CA SER A 329 8.80 5.84 -49.57
C SER A 329 9.39 5.13 -50.78
N SER A 330 10.06 4.01 -50.53
CA SER A 330 10.72 3.26 -51.58
C SER A 330 10.15 1.85 -51.61
N GLY A 331 8.95 1.72 -52.17
CA GLY A 331 8.52 0.45 -52.71
C GLY A 331 8.36 -0.70 -51.75
N ASN A 332 7.28 -0.70 -50.99
CA ASN A 332 6.76 -1.89 -50.31
C ASN A 332 7.63 -2.38 -49.17
N LYS A 333 8.73 -1.69 -48.86
CA LYS A 333 9.53 -2.06 -47.71
C LYS A 333 9.41 -1.05 -46.58
N LYS A 334 8.28 -0.36 -46.53
CA LYS A 334 7.90 0.38 -45.33
C LYS A 334 7.19 -0.50 -44.33
N TRP A 335 6.84 -1.73 -44.71
CA TRP A 335 6.12 -2.62 -43.83
C TRP A 335 7.00 -3.26 -42.77
N ILE A 336 8.32 -3.20 -42.91
CA ILE A 336 9.21 -3.72 -41.87
C ILE A 336 8.95 -3.02 -40.56
N ILE A 337 8.73 -1.71 -40.60
CA ILE A 337 8.48 -0.98 -39.36
C ILE A 337 6.99 -0.93 -39.04
N GLN A 338 6.12 -1.08 -40.04
CA GLN A 338 4.71 -0.81 -39.85
C GLN A 338 3.87 -2.03 -39.50
N VAL A 339 4.27 -3.23 -39.89
CA VAL A 339 3.52 -4.42 -39.49
C VAL A 339 3.60 -4.66 -37.98
N PRO A 340 4.78 -4.61 -37.34
CA PRO A 340 4.80 -4.80 -35.89
C PRO A 340 4.00 -3.78 -35.10
N ILE A 341 3.96 -2.53 -35.56
CA ILE A 341 3.22 -1.50 -34.83
C ILE A 341 1.73 -1.78 -34.88
N LEU A 342 1.21 -2.13 -36.05
CA LEU A 342 -0.21 -2.44 -36.16
C LEU A 342 -0.56 -3.71 -35.40
N ALA A 343 0.37 -4.67 -35.35
CA ALA A 343 0.15 -5.85 -34.54
C ALA A 343 0.04 -5.48 -33.06
N SER A 344 0.91 -4.58 -32.60
CA SER A 344 0.83 -4.13 -31.22
C SER A 344 -0.49 -3.44 -30.94
N ILE A 345 -1.00 -2.68 -31.91
CA ILE A 345 -2.24 -1.95 -31.70
C ILE A 345 -3.41 -2.90 -31.55
N VAL A 346 -3.52 -3.90 -32.43
CA VAL A 346 -4.63 -4.83 -32.31
C VAL A 346 -4.51 -5.67 -31.03
N LEU A 347 -3.30 -6.05 -30.65
CA LEU A 347 -3.14 -6.80 -29.41
C LEU A 347 -3.59 -6.00 -28.20
N ASN A 348 -3.22 -4.72 -28.17
CA ASN A 348 -3.57 -3.90 -27.02
C ASN A 348 -5.06 -3.63 -26.97
N PHE A 349 -5.72 -3.53 -28.12
CA PHE A 349 -7.17 -3.40 -28.11
C PHE A 349 -7.84 -4.64 -27.53
N ILE A 350 -7.36 -5.82 -27.93
CA ILE A 350 -7.90 -7.07 -27.37
C ILE A 350 -7.75 -7.09 -25.85
N LEU A 351 -6.56 -6.74 -25.36
CA LEU A 351 -6.32 -6.74 -23.93
C LEU A 351 -7.19 -5.71 -23.21
N PHE A 352 -7.47 -4.59 -23.87
CA PHE A 352 -8.33 -3.58 -23.29
C PHE A 352 -9.74 -4.12 -23.09
N ILE A 353 -10.28 -4.78 -24.11
CA ILE A 353 -11.61 -5.36 -24.00
C ILE A 353 -11.65 -6.38 -22.86
N ASN A 354 -10.61 -7.20 -22.75
CA ASN A 354 -10.57 -8.20 -21.69
C ASN A 354 -10.55 -7.58 -20.30
N ILE A 355 -9.79 -6.49 -20.13
CA ILE A 355 -9.75 -5.83 -18.83
C ILE A 355 -11.10 -5.22 -18.50
N VAL A 356 -11.77 -4.64 -19.49
CA VAL A 356 -13.09 -4.06 -19.17
C VAL A 356 -14.08 -5.16 -18.84
N ARG A 357 -13.94 -6.33 -19.46
CA ARG A 357 -14.80 -7.46 -19.11
C ARG A 357 -14.60 -7.87 -17.66
N VAL A 358 -13.34 -8.02 -17.22
CA VAL A 358 -13.11 -8.44 -15.85
C VAL A 358 -13.52 -7.35 -14.86
N LEU A 359 -13.42 -6.08 -15.24
CA LEU A 359 -13.91 -5.01 -14.38
C LEU A 359 -15.42 -5.06 -14.24
N ALA A 360 -16.13 -5.31 -15.34
CA ALA A 360 -17.58 -5.40 -15.26
C ALA A 360 -18.02 -6.57 -14.38
N THR A 361 -17.35 -7.72 -14.53
CA THR A 361 -17.64 -8.86 -13.68
C THR A 361 -17.43 -8.52 -12.20
N LYS A 362 -16.29 -7.92 -11.89
CA LYS A 362 -15.95 -7.67 -10.49
C LYS A 362 -16.85 -6.61 -9.88
N LEU A 363 -17.18 -5.58 -10.64
CA LEU A 363 -18.10 -4.58 -10.14
C LEU A 363 -19.51 -5.11 -10.01
N ARG A 364 -19.86 -6.16 -10.75
CA ARG A 364 -21.19 -6.74 -10.60
C ARG A 364 -21.26 -7.66 -9.39
N GLU A 365 -20.19 -8.40 -9.09
CA GLU A 365 -20.18 -9.29 -7.94
C GLU A 365 -19.89 -8.60 -6.62
N THR A 366 -19.98 -7.27 -6.57
CA THR A 366 -19.76 -6.54 -5.33
C THR A 366 -21.06 -6.26 -4.59
N ASN A 367 -22.13 -5.92 -5.32
CA ASN A 367 -23.44 -5.61 -4.76
C ASN A 367 -23.38 -4.46 -3.75
N THR A 373 -28.75 -0.65 -9.86
CA THR A 373 -27.87 0.38 -9.34
C THR A 373 -27.11 1.03 -10.50
N ARG A 374 -27.01 2.36 -10.47
CA ARG A 374 -26.34 3.11 -11.52
C ARG A 374 -24.97 3.66 -11.12
N GLN A 375 -24.58 3.55 -9.85
CA GLN A 375 -23.19 3.83 -9.49
C GLN A 375 -22.27 2.83 -10.19
N GLN A 376 -22.74 1.60 -10.37
CA GLN A 376 -22.10 0.59 -11.20
C GLN A 376 -21.62 1.13 -12.54
N TYR A 377 -22.55 1.65 -13.33
CA TYR A 377 -22.21 2.08 -14.68
C TYR A 377 -21.36 3.33 -14.67
N ARG A 378 -21.57 4.23 -13.71
CA ARG A 378 -20.74 5.42 -13.62
C ARG A 378 -19.28 5.05 -13.33
N LYS A 379 -19.07 4.10 -12.41
CA LYS A 379 -17.70 3.68 -12.10
C LYS A 379 -17.09 2.93 -13.27
N LEU A 380 -17.86 2.06 -13.94
CA LEU A 380 -17.37 1.38 -15.11
C LEU A 380 -16.95 2.36 -16.19
N LEU A 381 -17.75 3.39 -16.40
CA LEU A 381 -17.45 4.38 -17.41
C LEU A 381 -16.19 5.15 -17.08
N LYS A 382 -16.03 5.54 -15.81
CA LYS A 382 -14.84 6.28 -15.42
C LYS A 382 -13.59 5.43 -15.58
N SER A 383 -13.67 4.15 -15.23
CA SER A 383 -12.53 3.27 -15.39
C SER A 383 -12.18 3.06 -16.85
N THR A 384 -13.19 2.90 -17.70
CA THR A 384 -12.93 2.73 -19.13
C THR A 384 -12.31 3.98 -19.72
N LEU A 385 -12.79 5.16 -19.32
CA LEU A 385 -12.25 6.39 -19.87
C LEU A 385 -10.84 6.67 -19.34
N VAL A 386 -10.52 6.26 -18.12
CA VAL A 386 -9.15 6.47 -17.68
C VAL A 386 -8.20 5.43 -18.25
N LEU A 387 -8.69 4.23 -18.57
CA LEU A 387 -7.86 3.26 -19.29
C LEU A 387 -7.70 3.64 -20.75
N MET A 388 -8.62 4.43 -21.29
CA MET A 388 -8.62 4.81 -22.71
C MET A 388 -7.29 5.35 -23.21
N PRO A 389 -6.61 6.29 -22.55
CA PRO A 389 -5.33 6.77 -23.10
C PRO A 389 -4.12 5.92 -22.75
N LEU A 390 -4.19 5.07 -21.72
CA LEU A 390 -3.04 4.27 -21.36
C LEU A 390 -2.82 3.15 -22.37
N PHE A 391 -3.88 2.43 -22.70
CA PHE A 391 -3.80 1.40 -23.73
C PHE A 391 -3.73 2.00 -25.11
N GLY A 392 -4.04 3.28 -25.23
CA GLY A 392 -3.97 3.98 -26.50
C GLY A 392 -4.98 3.47 -27.49
N VAL A 393 -6.23 3.29 -27.07
CA VAL A 393 -7.29 2.88 -28.00
C VAL A 393 -7.89 4.18 -28.53
N HIS A 394 -7.17 4.77 -29.47
CA HIS A 394 -7.70 5.64 -30.49
C HIS A 394 -7.04 5.33 -31.82
N TYR A 395 -5.99 4.51 -31.81
CA TYR A 395 -5.27 4.16 -33.02
C TYR A 395 -6.06 3.19 -33.87
N ILE A 396 -6.93 2.39 -33.26
CA ILE A 396 -7.64 1.36 -34.00
C ILE A 396 -8.72 1.92 -34.90
N VAL A 397 -8.97 3.23 -34.80
CA VAL A 397 -9.97 3.85 -35.66
C VAL A 397 -9.49 3.86 -37.10
N PHE A 398 -8.24 4.26 -37.33
CA PHE A 398 -7.72 4.49 -38.68
C PHE A 398 -6.54 3.61 -39.04
N MET A 399 -6.20 2.61 -38.23
CA MET A 399 -5.02 1.82 -38.54
C MET A 399 -5.25 0.92 -39.74
N ALA A 400 -6.49 0.52 -40.00
CA ALA A 400 -6.82 -0.26 -41.18
C ALA A 400 -6.85 0.57 -42.44
N THR A 401 -6.91 1.89 -42.32
CA THR A 401 -6.94 2.77 -43.48
C THR A 401 -5.63 2.66 -44.24
N PRO A 402 -5.66 2.43 -45.55
CA PRO A 402 -4.42 2.40 -46.33
C PRO A 402 -3.96 3.81 -46.67
N TYR A 403 -2.89 3.89 -47.45
CA TYR A 403 -2.36 5.17 -47.89
C TYR A 403 -3.33 5.82 -48.88
N THR A 404 -3.78 7.03 -48.56
CA THR A 404 -4.86 7.69 -49.28
C THR A 404 -4.34 8.96 -49.94
N GLU A 405 -4.99 9.35 -51.03
CA GLU A 405 -4.74 10.62 -51.69
C GLU A 405 -4.76 11.76 -50.69
N VAL A 406 -3.83 12.69 -50.85
CA VAL A 406 -3.75 13.81 -49.92
C VAL A 406 -4.92 14.75 -50.13
N SER A 407 -5.48 14.80 -51.33
CA SER A 407 -6.60 15.66 -51.62
C SER A 407 -7.93 15.09 -51.12
N GLY A 408 -7.92 13.92 -50.50
CA GLY A 408 -9.15 13.32 -50.05
C GLY A 408 -9.53 13.72 -48.65
N THR A 409 -10.82 13.62 -48.34
CA THR A 409 -11.31 13.95 -47.01
C THR A 409 -10.90 12.91 -45.99
N LEU A 410 -10.69 11.66 -46.41
CA LEU A 410 -10.25 10.63 -45.48
C LEU A 410 -8.88 10.99 -44.92
N TRP A 411 -7.98 11.40 -45.80
CA TRP A 411 -6.68 11.91 -45.37
C TRP A 411 -6.82 13.07 -44.41
N GLN A 412 -7.70 14.01 -44.71
CA GLN A 412 -7.84 15.20 -43.89
C GLN A 412 -8.29 14.85 -42.47
N VAL A 413 -9.40 14.12 -42.35
CA VAL A 413 -9.94 13.81 -41.04
C VAL A 413 -8.98 12.89 -40.28
N GLN A 414 -8.34 11.96 -40.99
CA GLN A 414 -7.40 11.06 -40.35
C GLN A 414 -6.21 11.82 -39.80
N MET A 415 -5.66 12.75 -40.58
CA MET A 415 -4.48 13.48 -40.16
C MET A 415 -4.79 14.40 -38.99
N HIS A 416 -5.91 15.11 -39.05
CA HIS A 416 -6.24 16.01 -37.95
C HIS A 416 -6.52 15.24 -36.67
N TYR A 417 -7.34 14.19 -36.78
CA TYR A 417 -7.64 13.34 -35.64
C TYR A 417 -6.38 12.78 -35.01
N GLU A 418 -5.56 12.11 -35.82
CA GLU A 418 -4.42 11.40 -35.27
C GLU A 418 -3.33 12.36 -34.79
N MET A 419 -3.13 13.50 -35.45
CA MET A 419 -2.16 14.45 -34.94
C MET A 419 -2.61 14.98 -33.59
N LEU A 420 -3.88 15.37 -33.46
CA LEU A 420 -4.34 15.92 -32.21
C LEU A 420 -4.31 14.90 -31.08
N PHE A 421 -4.58 13.64 -31.37
CA PHE A 421 -4.60 12.66 -30.29
C PHE A 421 -3.20 12.15 -29.94
N ASN A 422 -2.39 11.88 -30.95
CA ASN A 422 -1.02 11.43 -30.72
C ASN A 422 -0.19 12.49 -30.02
N SER A 423 -0.48 13.76 -30.25
CA SER A 423 0.33 14.80 -29.63
C SER A 423 -0.03 15.04 -28.17
N PHE A 424 -1.27 14.71 -27.76
CA PHE A 424 -1.74 14.98 -26.41
C PHE A 424 -1.86 13.72 -25.56
N GLN A 425 -1.57 12.55 -26.11
CA GLN A 425 -1.67 11.32 -25.32
C GLN A 425 -0.72 11.32 -24.13
N GLY A 426 0.50 11.82 -24.31
CA GLY A 426 1.44 11.81 -23.20
C GLY A 426 1.01 12.73 -22.08
N PHE A 427 0.42 13.87 -22.44
CA PHE A 427 -0.17 14.77 -21.47
C PHE A 427 -1.28 14.08 -20.69
N PHE A 428 -2.13 13.32 -21.39
CA PHE A 428 -3.20 12.61 -20.71
C PHE A 428 -2.67 11.57 -19.73
N VAL A 429 -1.69 10.78 -20.17
CA VAL A 429 -1.10 9.79 -19.28
C VAL A 429 -0.45 10.46 -18.08
N ALA A 430 0.25 11.57 -18.31
CA ALA A 430 0.89 12.29 -17.22
C ALA A 430 -0.14 12.73 -16.19
N ILE A 431 -1.20 13.40 -16.62
CA ILE A 431 -2.24 13.84 -15.69
C ILE A 431 -2.79 12.65 -14.91
N ILE A 432 -3.30 11.65 -15.63
CA ILE A 432 -4.08 10.59 -15.00
C ILE A 432 -3.22 9.78 -14.04
N TYR A 433 -1.96 9.54 -14.38
CA TYR A 433 -1.16 8.58 -13.63
C TYR A 433 -0.02 9.20 -12.84
N CYS A 434 0.11 10.52 -12.83
CA CYS A 434 1.10 11.12 -11.94
C CYS A 434 0.60 12.37 -11.24
N PHE A 435 -0.48 13.00 -11.67
CA PHE A 435 -0.98 14.15 -10.93
C PHE A 435 -2.32 13.92 -10.29
N CYS A 436 -3.11 12.99 -10.80
CA CYS A 436 -4.39 12.65 -10.21
C CYS A 436 -4.37 11.31 -9.50
N ASN A 437 -3.18 10.73 -9.32
CA ASN A 437 -3.04 9.53 -8.53
C ASN A 437 -3.06 9.90 -7.05
N GLY A 438 -3.59 9.00 -6.23
CA GLY A 438 -3.72 9.28 -4.82
C GLY A 438 -2.40 9.23 -4.08
N GLU A 439 -1.54 8.29 -4.45
CA GLU A 439 -0.28 8.11 -3.74
C GLU A 439 0.63 9.30 -3.94
N VAL A 440 0.75 9.78 -5.17
CA VAL A 440 1.60 10.93 -5.45
C VAL A 440 1.05 12.16 -4.77
N GLN A 441 -0.27 12.29 -4.68
CA GLN A 441 -0.84 13.47 -4.03
C GLN A 441 -0.58 13.44 -2.54
N ALA A 442 -0.78 12.29 -1.89
CA ALA A 442 -0.46 12.18 -0.48
C ALA A 442 1.01 12.43 -0.21
N GLU A 443 1.88 11.97 -1.10
CA GLU A 443 3.31 12.14 -0.89
C GLU A 443 3.72 13.59 -1.04
N ILE A 444 3.25 14.27 -2.08
CA ILE A 444 3.62 15.66 -2.24
C ILE A 444 3.01 16.50 -1.13
N LYS A 445 1.82 16.14 -0.64
CA LYS A 445 1.24 16.88 0.47
C LYS A 445 2.07 16.72 1.73
N LYS A 446 2.50 15.51 2.06
CA LYS A 446 3.23 15.35 3.30
C LYS A 446 4.62 15.97 3.22
N SER A 447 5.25 15.92 2.05
CA SER A 447 6.54 16.58 1.91
C SER A 447 6.40 18.10 2.01
N TRP A 448 5.36 18.65 1.37
CA TRP A 448 5.13 20.08 1.46
C TRP A 448 4.81 20.51 2.88
N SER A 449 4.08 19.68 3.62
CA SER A 449 3.74 20.02 5.00
C SER A 449 4.97 20.02 5.88
N ARG A 450 5.82 19.00 5.76
CA ARG A 450 7.03 18.96 6.57
C ARG A 450 7.97 20.11 6.22
N TRP A 451 8.05 20.49 4.95
CA TRP A 451 8.94 21.61 4.63
C TRP A 451 8.31 22.97 4.88
N THR A 452 6.99 23.03 5.03
CA THR A 452 6.38 24.24 5.57
C THR A 452 6.69 24.38 7.05
N LEU A 453 6.59 23.29 7.80
CA LEU A 453 6.94 23.32 9.21
C LEU A 453 8.43 23.52 9.44
N ALA A 454 9.27 23.20 8.45
CA ALA A 454 10.71 23.39 8.61
C ALA A 454 11.08 24.87 8.66
N LEU A 455 10.32 25.72 7.99
CA LEU A 455 10.62 27.15 8.00
C LEU A 455 9.80 27.88 9.07
N ALA B 1 -1.65 1.75 -41.33
CA ALA B 1 -0.73 2.84 -41.58
C ALA B 1 -0.63 3.75 -40.37
N VAL B 2 0.59 3.94 -39.88
CA VAL B 2 0.87 4.88 -38.80
C VAL B 2 0.84 6.29 -39.36
N SER B 3 0.08 7.17 -38.71
CA SER B 3 -0.17 8.51 -39.24
C SER B 3 1.13 9.30 -39.36
N GLU B 4 1.99 9.24 -38.35
CA GLU B 4 3.22 10.01 -38.39
C GLU B 4 4.12 9.57 -39.52
N HIS B 5 4.18 8.27 -39.78
CA HIS B 5 4.99 7.74 -40.87
C HIS B 5 4.39 8.14 -42.23
N GLN B 6 3.09 8.02 -42.37
CA GLN B 6 2.41 8.43 -43.59
C GLN B 6 2.57 9.94 -43.83
N LEU B 7 2.44 10.74 -42.79
CA LEU B 7 2.57 12.19 -42.95
C LEU B 7 3.97 12.56 -43.41
N LEU B 8 4.98 11.88 -42.88
CA LEU B 8 6.35 12.07 -43.34
C LEU B 8 6.45 11.89 -44.85
N HIS B 9 5.89 10.79 -45.36
CA HIS B 9 5.94 10.53 -46.79
C HIS B 9 5.13 11.55 -47.57
N ASP B 10 3.94 11.92 -47.06
CA ASP B 10 3.06 12.82 -47.78
C ASP B 10 3.67 14.20 -47.93
N LYS B 11 4.30 14.72 -46.87
CA LYS B 11 4.94 16.02 -46.95
C LYS B 11 6.19 15.97 -47.82
N GLY B 12 6.98 14.91 -47.69
CA GLY B 12 8.15 14.79 -48.54
C GLY B 12 7.80 14.73 -50.02
N LYS B 13 6.73 14.01 -50.35
CA LYS B 13 6.27 13.96 -51.73
C LYS B 13 5.86 15.35 -52.23
N SER B 14 5.08 16.07 -51.41
CA SER B 14 4.66 17.41 -51.81
C SER B 14 5.84 18.30 -52.15
N ILE B 15 6.90 18.24 -51.33
CA ILE B 15 8.11 19.04 -51.60
C ILE B 15 8.74 18.64 -52.92
N GLN B 16 8.88 17.34 -53.15
CA GLN B 16 9.44 16.90 -54.42
C GLN B 16 8.56 17.26 -55.61
N ASP B 17 7.24 17.18 -55.46
CA ASP B 17 6.38 17.49 -56.59
C ASP B 17 6.49 18.95 -56.98
N LEU B 18 6.58 19.83 -55.99
CA LEU B 18 6.70 21.26 -56.29
C LEU B 18 7.98 21.53 -57.06
N ARG B 19 9.10 21.00 -56.57
CA ARG B 19 10.39 21.24 -57.22
C ARG B 19 10.41 20.72 -58.66
N ARG B 20 9.81 19.55 -58.89
CA ARG B 20 9.70 19.03 -60.25
C ARG B 20 8.87 19.95 -61.14
N ARG B 21 7.75 20.44 -60.61
CA ARG B 21 6.89 21.34 -61.35
C ARG B 21 7.63 22.63 -61.70
N GLU B 22 8.45 23.12 -60.78
CA GLU B 22 9.17 24.38 -61.01
C GLU B 22 10.09 24.26 -62.22
N LEU B 23 10.75 23.10 -62.39
CA LEU B 23 11.60 22.90 -63.56
C LEU B 23 10.80 23.01 -64.85
N LEU B 24 9.70 22.27 -64.94
CA LEU B 24 8.95 22.28 -66.20
C LEU B 24 8.29 23.62 -66.44
N GLU B 25 7.85 24.30 -65.37
CA GLU B 25 7.22 25.60 -65.52
C GLU B 25 8.24 26.65 -65.97
N LYS B 26 9.46 26.62 -65.44
CA LYS B 26 10.47 27.55 -65.95
C LYS B 26 10.79 27.26 -67.42
N LEU B 27 10.82 25.97 -67.82
CA LEU B 27 11.04 25.70 -69.24
C LEU B 27 9.85 26.15 -70.08
N LEU B 28 8.63 25.86 -69.63
CA LEU B 28 7.44 26.21 -70.37
C LEU B 28 7.27 27.72 -70.39
N LYS B 30 9.04 30.43 -71.05
CA LYS B 30 9.33 31.04 -72.34
C LYS B 30 8.93 30.21 -73.58
N LEU B 31 8.90 28.88 -73.46
CA LEU B 31 8.62 28.02 -74.61
C LEU B 31 7.17 28.13 -75.08
N HIS B 32 6.24 28.16 -74.11
CA HIS B 32 4.82 28.29 -74.42
C HIS B 32 4.33 29.71 -74.27
N THR B 33 4.82 30.42 -73.26
CA THR B 33 4.43 31.81 -73.05
C THR B 33 5.64 32.73 -72.98
N ASP C 11 44.26 2.75 8.84
CA ASP C 11 44.41 1.71 7.82
C ASP C 11 43.28 0.69 7.89
N GLN C 12 42.31 0.94 8.76
CA GLN C 12 41.28 -0.05 9.06
C GLN C 12 40.21 -0.18 7.98
N ARG C 13 40.47 0.30 6.77
CA ARG C 13 39.72 -0.19 5.63
C ARG C 13 39.85 -1.70 5.52
N ASN C 14 40.94 -2.25 6.04
CA ASN C 14 41.02 -3.69 6.27
C ASN C 14 39.84 -4.18 7.09
N GLU C 15 39.43 -3.41 8.11
CA GLU C 15 38.32 -3.81 8.96
C GLU C 15 36.97 -3.43 8.37
N GLU C 16 36.92 -2.45 7.48
CA GLU C 16 35.64 -2.03 6.91
C GLU C 16 35.25 -2.79 5.66
N LYS C 17 36.23 -3.25 4.87
CA LYS C 17 35.88 -4.05 3.69
C LYS C 17 35.32 -5.41 4.09
N ALA C 18 35.79 -5.99 5.19
CA ALA C 18 35.18 -7.20 5.71
C ALA C 18 33.72 -6.96 6.08
N GLN C 19 33.43 -5.78 6.64
CA GLN C 19 32.06 -5.45 6.98
C GLN C 19 31.20 -5.31 5.73
N ARG C 20 31.72 -4.66 4.70
CA ARG C 20 30.97 -4.53 3.46
C ARG C 20 30.74 -5.88 2.81
N GLU C 21 31.70 -6.80 2.92
CA GLU C 21 31.52 -8.13 2.36
C GLU C 21 30.45 -8.92 3.10
N ALA C 22 30.48 -8.88 4.43
CA ALA C 22 29.43 -9.54 5.21
C ALA C 22 28.05 -8.98 4.87
N ASN C 23 27.95 -7.65 4.76
CA ASN C 23 26.67 -7.05 4.44
C ASN C 23 26.20 -7.45 3.05
N LYS C 24 27.13 -7.54 2.09
CA LYS C 24 26.77 -7.95 0.74
C LYS C 24 26.20 -9.36 0.73
N LYS C 25 26.83 -10.28 1.46
CA LYS C 25 26.29 -11.63 1.57
C LYS C 25 24.91 -11.64 2.21
N ILE C 26 24.70 -10.78 3.21
CA ILE C 26 23.40 -10.72 3.86
C ILE C 26 22.33 -10.24 2.88
N GLU C 27 22.63 -9.22 2.07
CA GLU C 27 21.61 -8.76 1.13
C GLU C 27 21.33 -9.77 0.03
N LYS C 28 22.36 -10.48 -0.42
CA LYS C 28 22.10 -11.46 -1.46
C LYS C 28 21.32 -12.66 -0.92
N GLN C 29 21.33 -12.90 0.40
CA GLN C 29 20.39 -13.89 0.92
C GLN C 29 19.00 -13.30 1.20
N LEU C 30 18.95 -12.03 1.61
CA LEU C 30 17.67 -11.40 1.89
C LEU C 30 16.82 -11.27 0.65
N GLN C 31 17.44 -11.17 -0.52
CA GLN C 31 16.67 -11.13 -1.76
C GLN C 31 15.95 -12.45 -2.02
N LYS C 32 16.65 -13.57 -1.80
CA LYS C 32 16.00 -14.86 -1.90
C LYS C 32 14.87 -15.00 -0.88
N ASP C 33 15.11 -14.54 0.35
CA ASP C 33 14.03 -14.61 1.35
C ASP C 33 12.84 -13.76 0.94
N LYS C 34 13.09 -12.62 0.30
CA LYS C 34 12.00 -11.78 -0.18
C LYS C 34 11.17 -12.48 -1.24
N GLN C 35 11.84 -13.14 -2.17
CA GLN C 35 11.11 -13.77 -3.26
C GLN C 35 10.39 -15.02 -2.79
N VAL C 36 10.83 -15.65 -1.71
CA VAL C 36 10.04 -16.76 -1.19
C VAL C 36 8.95 -16.26 -0.25
N TYR C 37 9.10 -15.07 0.32
CA TYR C 37 8.06 -14.52 1.18
C TYR C 37 6.87 -14.05 0.37
N ARG C 38 7.11 -13.25 -0.65
CA ARG C 38 6.01 -12.66 -1.40
C ARG C 38 5.32 -13.64 -2.33
N ALA C 39 5.87 -14.83 -2.51
CA ALA C 39 5.23 -15.87 -3.31
C ALA C 39 4.27 -16.74 -2.52
N THR C 40 4.21 -16.56 -1.20
CA THR C 40 3.44 -17.42 -0.32
C THR C 40 2.29 -16.63 0.27
N HIS C 41 1.14 -17.28 0.42
CA HIS C 41 -0.03 -16.67 1.01
C HIS C 41 -0.23 -17.17 2.43
N ARG C 42 -0.69 -16.29 3.31
CA ARG C 42 -0.82 -16.58 4.72
C ARG C 42 -2.27 -16.40 5.14
N LEU C 43 -2.78 -17.37 5.89
CA LEU C 43 -4.17 -17.43 6.28
C LEU C 43 -4.26 -17.62 7.78
N LEU C 44 -5.28 -17.01 8.38
CA LEU C 44 -5.54 -17.12 9.81
C LEU C 44 -6.86 -17.85 9.97
N LEU C 45 -6.80 -19.07 10.47
CA LEU C 45 -7.98 -19.87 10.71
C LEU C 45 -8.51 -19.53 12.10
N LEU C 46 -9.69 -18.92 12.13
CA LEU C 46 -10.29 -18.46 13.36
C LEU C 46 -11.64 -19.12 13.50
N GLY C 47 -12.06 -19.37 14.74
CA GLY C 47 -13.33 -20.02 14.98
C GLY C 47 -13.62 -20.04 16.46
N ALA C 48 -14.70 -20.71 16.81
CA ALA C 48 -15.07 -20.94 18.19
C ALA C 48 -14.89 -22.42 18.54
N GLY C 49 -15.19 -22.76 19.79
CA GLY C 49 -15.19 -24.15 20.18
C GLY C 49 -16.36 -24.89 19.55
N GLU C 50 -16.09 -26.14 19.13
CA GLU C 50 -17.08 -26.98 18.45
C GLU C 50 -17.67 -26.29 17.22
N SER C 51 -16.80 -25.79 16.35
CA SER C 51 -17.22 -25.04 15.19
C SER C 51 -16.87 -25.71 13.87
N GLY C 52 -16.07 -26.78 13.89
CA GLY C 52 -15.59 -27.39 12.67
C GLY C 52 -14.28 -26.85 12.17
N LYS C 53 -13.59 -26.04 12.98
CA LYS C 53 -12.28 -25.52 12.60
C LYS C 53 -11.26 -26.63 12.46
N SER C 54 -11.41 -27.71 13.22
CA SER C 54 -10.47 -28.82 13.13
C SER C 54 -10.80 -29.74 11.97
N THR C 55 -12.06 -29.76 11.53
CA THR C 55 -12.43 -30.58 10.37
C THR C 55 -11.85 -30.00 9.08
N ILE C 56 -11.63 -28.69 9.03
CA ILE C 56 -11.09 -28.08 7.81
C ILE C 56 -9.59 -28.29 7.72
N VAL C 57 -8.91 -28.43 8.86
CA VAL C 57 -7.48 -28.73 8.84
C VAL C 57 -7.24 -30.10 8.23
N LYS C 58 -8.09 -31.07 8.54
CA LYS C 58 -8.00 -32.39 7.95
C LYS C 58 -8.62 -32.41 6.56
N SER C 191 2.00 -25.25 22.39
CA SER C 191 2.17 -24.60 21.11
C SER C 191 1.13 -23.52 20.90
N GLY C 192 1.57 -22.26 20.88
CA GLY C 192 0.64 -21.17 20.70
C GLY C 192 0.12 -21.06 19.28
N ILE C 193 0.88 -21.58 18.32
CA ILE C 193 0.54 -21.49 16.92
C ILE C 193 0.69 -22.87 16.31
N PHE C 194 -0.32 -23.32 15.59
CA PHE C 194 -0.23 -24.48 14.74
C PHE C 194 -0.13 -24.03 13.28
N GLU C 195 0.80 -24.62 12.56
CA GLU C 195 1.13 -24.24 11.20
C GLU C 195 0.74 -25.36 10.25
N THR C 196 0.12 -24.98 9.14
CA THR C 196 -0.28 -25.93 8.10
C THR C 196 0.19 -25.40 6.75
N LYS C 197 0.93 -26.23 6.01
CA LYS C 197 1.47 -25.87 4.71
C LYS C 197 0.85 -26.73 3.63
N PHE C 198 0.36 -26.10 2.58
CA PHE C 198 -0.22 -26.85 1.47
C PHE C 198 -0.08 -26.03 0.19
N GLN C 199 -0.35 -26.69 -0.92
CA GLN C 199 -0.07 -26.16 -2.25
C GLN C 199 -1.19 -26.55 -3.20
N VAL C 200 -1.94 -25.57 -3.65
CA VAL C 200 -3.02 -25.78 -4.63
C VAL C 200 -2.60 -25.08 -5.90
N ASP C 201 -2.57 -25.83 -7.00
CA ASP C 201 -2.25 -25.30 -8.33
C ASP C 201 -0.92 -24.57 -8.34
N LYS C 202 0.09 -25.20 -7.74
CA LYS C 202 1.46 -24.69 -7.68
C LYS C 202 1.55 -23.35 -6.95
N VAL C 203 0.61 -23.05 -6.06
CA VAL C 203 0.64 -21.84 -5.26
C VAL C 203 0.69 -22.25 -3.79
N ASN C 204 1.61 -21.65 -3.04
CA ASN C 204 1.93 -22.09 -1.69
C ASN C 204 1.15 -21.27 -0.67
N PHE C 205 0.25 -21.93 0.04
CA PHE C 205 -0.51 -21.30 1.10
C PHE C 205 0.08 -21.70 2.45
N HIS C 206 -0.20 -20.88 3.45
CA HIS C 206 0.43 -21.05 4.77
C HIS C 206 -0.64 -20.73 5.81
N MET C 207 -1.22 -21.75 6.40
CA MET C 207 -2.35 -21.56 7.31
C MET C 207 -1.90 -21.67 8.75
N PHE C 208 -2.46 -20.81 9.59
CA PHE C 208 -2.11 -20.70 10.99
C PHE C 208 -3.35 -20.80 11.86
N ASP C 209 -3.21 -21.48 12.99
CA ASP C 209 -4.28 -21.64 13.95
C ASP C 209 -3.74 -21.41 15.35
N VAL C 210 -4.36 -20.50 16.08
CA VAL C 210 -3.93 -20.16 17.43
C VAL C 210 -4.38 -21.27 18.39
N GLY C 211 -3.43 -22.03 18.90
CA GLY C 211 -3.76 -23.11 19.79
C GLY C 211 -3.84 -22.75 21.25
N ALA C 212 -2.72 -22.31 21.82
CA ALA C 212 -2.59 -22.20 23.26
C ALA C 212 -2.72 -20.78 23.75
N GLN C 213 -3.69 -20.04 23.27
CA GLN C 213 -3.87 -18.68 23.77
C GLN C 213 -5.19 -18.55 24.50
N ARG C 214 -5.27 -17.52 25.32
CA ARG C 214 -6.49 -17.22 26.07
C ARG C 214 -7.53 -16.56 25.17
N ASP C 215 -8.72 -16.39 25.71
CA ASP C 215 -9.85 -15.85 24.95
C ASP C 215 -9.95 -14.34 25.10
N GLU C 216 -8.82 -13.65 24.94
CA GLU C 216 -8.78 -12.21 25.01
C GLU C 216 -8.68 -11.55 23.65
N ARG C 217 -7.70 -11.94 22.84
CA ARG C 217 -7.67 -11.71 21.40
C ARG C 217 -7.41 -10.27 20.97
N ARG C 218 -7.51 -9.29 21.85
CA ARG C 218 -7.39 -7.94 21.35
C ARG C 218 -5.95 -7.49 21.19
N LYS C 219 -5.00 -8.29 21.66
CA LYS C 219 -3.60 -7.93 21.57
C LYS C 219 -2.83 -8.81 20.61
N TRP C 220 -3.27 -10.02 20.34
CA TRP C 220 -2.58 -10.86 19.39
C TRP C 220 -3.28 -10.97 18.05
N ILE C 221 -4.50 -10.44 17.91
CA ILE C 221 -5.12 -10.45 16.60
C ILE C 221 -4.55 -9.34 15.73
N GLN C 222 -3.90 -8.35 16.34
CA GLN C 222 -3.24 -7.29 15.60
C GLN C 222 -2.00 -7.76 14.86
N CYS C 223 -1.50 -8.95 15.19
CA CYS C 223 -0.38 -9.51 14.45
C CYS C 223 -0.78 -9.95 13.06
N PHE C 224 -2.03 -10.35 12.89
CA PHE C 224 -2.48 -11.01 11.68
C PHE C 224 -3.15 -10.06 10.71
N ASN C 225 -2.94 -8.76 10.87
CA ASN C 225 -3.05 -7.90 9.71
C ASN C 225 -1.89 -8.21 8.77
N ASP C 226 -2.05 -7.81 7.53
CA ASP C 226 -1.15 -8.22 6.44
C ASP C 226 -1.15 -9.74 6.29
N VAL C 227 -2.34 -10.34 6.30
CA VAL C 227 -2.55 -11.66 5.73
C VAL C 227 -3.51 -11.51 4.56
N THR C 228 -3.58 -12.54 3.73
CA THR C 228 -4.48 -12.50 2.59
C THR C 228 -5.93 -12.51 3.05
N ALA C 229 -6.31 -13.50 3.84
CA ALA C 229 -7.67 -13.63 4.30
C ALA C 229 -7.68 -14.13 5.73
N ILE C 230 -8.79 -13.88 6.42
CA ILE C 230 -9.08 -14.48 7.70
C ILE C 230 -10.16 -15.51 7.45
N ILE C 231 -9.84 -16.79 7.61
CA ILE C 231 -10.86 -17.82 7.48
C ILE C 231 -11.63 -17.89 8.78
N PHE C 232 -12.94 -17.69 8.70
CA PHE C 232 -13.82 -17.63 9.85
C PHE C 232 -14.83 -18.76 9.75
N VAL C 233 -14.81 -19.67 10.71
CA VAL C 233 -15.66 -20.86 10.69
C VAL C 233 -16.74 -20.72 11.74
N VAL C 234 -17.98 -21.04 11.37
CA VAL C 234 -19.15 -20.86 12.21
C VAL C 234 -20.02 -22.10 12.14
N ALA C 235 -20.48 -22.57 13.29
CA ALA C 235 -21.37 -23.74 13.37
C ALA C 235 -22.80 -23.23 13.25
N SER C 236 -23.36 -23.33 12.05
CA SER C 236 -24.70 -22.83 11.75
C SER C 236 -25.69 -23.97 11.96
N SER C 237 -26.22 -24.07 13.18
CA SER C 237 -27.12 -25.17 13.49
C SER C 237 -28.34 -24.68 14.26
N GLN C 248 -28.92 -24.53 24.35
CA GLN C 248 -28.04 -24.27 25.49
C GLN C 248 -27.71 -22.79 25.57
N THR C 249 -26.65 -22.38 24.87
CA THR C 249 -26.22 -21.00 24.83
C THR C 249 -26.07 -20.57 23.37
N ASN C 250 -26.26 -19.28 23.11
CA ASN C 250 -26.30 -18.75 21.75
C ASN C 250 -24.88 -18.56 21.23
N ARG C 251 -24.36 -19.56 20.52
CA ARG C 251 -23.06 -19.44 19.90
C ARG C 251 -23.11 -18.73 18.55
N LEU C 252 -24.27 -18.69 17.91
CA LEU C 252 -24.39 -17.97 16.65
C LEU C 252 -24.25 -16.47 16.84
N GLN C 253 -24.94 -15.92 17.84
CA GLN C 253 -24.80 -14.50 18.14
C GLN C 253 -23.39 -14.14 18.61
N ALA C 254 -22.70 -15.08 19.25
CA ALA C 254 -21.33 -14.80 19.68
C ALA C 254 -20.38 -14.77 18.50
N ALA C 255 -20.56 -15.70 17.56
CA ALA C 255 -19.80 -15.64 16.32
C ALA C 255 -20.08 -14.35 15.59
N LEU C 256 -21.32 -13.89 15.64
CA LEU C 256 -21.67 -12.62 15.01
C LEU C 256 -20.94 -11.45 15.66
N LYS C 257 -20.87 -11.43 17.00
CA LYS C 257 -20.18 -10.35 17.69
C LYS C 257 -18.69 -10.36 17.42
N LEU C 258 -18.09 -11.55 17.36
CA LEU C 258 -16.68 -11.65 17.01
C LEU C 258 -16.42 -11.18 15.59
N PHE C 259 -17.31 -11.54 14.65
CA PHE C 259 -17.16 -11.09 13.27
C PHE C 259 -17.29 -9.59 13.17
N ASP C 260 -18.21 -9.01 13.94
CA ASP C 260 -18.35 -7.57 13.96
C ASP C 260 -17.11 -6.88 14.50
N SER C 261 -16.51 -7.43 15.56
CA SER C 261 -15.33 -6.79 16.13
C SER C 261 -14.12 -6.92 15.22
N ILE C 262 -14.00 -8.06 14.53
CA ILE C 262 -12.89 -8.23 13.59
C ILE C 262 -13.07 -7.31 12.40
N TRP C 263 -14.31 -7.15 11.95
CA TRP C 263 -14.58 -6.33 10.77
C TRP C 263 -14.27 -4.85 11.03
N ASN C 264 -14.60 -4.35 12.20
CA ASN C 264 -14.52 -2.92 12.48
C ASN C 264 -13.27 -2.54 13.26
N ASN C 265 -12.27 -3.40 13.33
CA ASN C 265 -11.04 -3.08 14.02
C ASN C 265 -10.20 -2.14 13.17
N LYS C 266 -9.52 -1.19 13.81
CA LYS C 266 -8.75 -0.18 13.11
C LYS C 266 -7.60 -0.77 12.32
N TRP C 267 -7.12 -1.95 12.69
CA TRP C 267 -5.99 -2.57 12.04
C TRP C 267 -6.37 -3.66 11.06
N LEU C 268 -7.57 -4.25 11.21
CA LEU C 268 -8.04 -5.26 10.28
C LEU C 268 -9.02 -4.68 9.26
N ARG C 269 -8.99 -3.35 9.05
CA ARG C 269 -9.79 -2.72 8.02
C ARG C 269 -9.38 -3.13 6.61
N ASP C 270 -8.17 -3.61 6.44
CA ASP C 270 -7.67 -3.97 5.13
C ASP C 270 -7.62 -5.46 4.90
N THR C 271 -8.09 -6.27 5.84
CA THR C 271 -8.05 -7.72 5.74
C THR C 271 -9.46 -8.25 5.50
N SER C 272 -9.59 -9.17 4.57
CA SER C 272 -10.87 -9.73 4.17
C SER C 272 -11.09 -11.09 4.83
N VAL C 273 -12.32 -11.57 4.74
CA VAL C 273 -12.77 -12.76 5.46
C VAL C 273 -13.37 -13.74 4.47
N ILE C 274 -13.00 -15.02 4.61
CA ILE C 274 -13.64 -16.12 3.92
C ILE C 274 -14.53 -16.81 4.96
N LEU C 275 -15.82 -16.56 4.88
CA LEU C 275 -16.79 -17.05 5.85
C LEU C 275 -17.25 -18.45 5.47
N PHE C 276 -17.05 -19.39 6.37
CA PHE C 276 -17.46 -20.77 6.19
C PHE C 276 -18.57 -21.06 7.20
N LEU C 277 -19.77 -21.28 6.71
CA LEU C 277 -20.91 -21.59 7.55
C LEU C 277 -21.07 -23.11 7.56
N ASN C 278 -20.52 -23.74 8.58
CA ASN C 278 -20.41 -25.18 8.70
C ASN C 278 -21.74 -25.79 9.14
N LYS C 279 -21.77 -27.12 9.13
CA LYS C 279 -22.86 -27.92 9.70
C LYS C 279 -24.20 -27.60 9.05
N GLN C 280 -24.29 -27.92 7.77
CA GLN C 280 -25.53 -27.71 7.05
C GLN C 280 -26.47 -28.91 7.15
N ASP C 281 -25.92 -30.11 7.31
CA ASP C 281 -26.77 -31.27 7.54
C ASP C 281 -27.48 -31.17 8.89
N LEU C 282 -26.78 -30.70 9.92
CA LEU C 282 -27.42 -30.54 11.23
C LEU C 282 -28.50 -29.47 11.17
N LEU C 283 -28.22 -28.36 10.49
CA LEU C 283 -29.20 -27.31 10.32
C LEU C 283 -30.44 -27.83 9.60
N ALA C 284 -30.24 -28.62 8.54
CA ALA C 284 -31.37 -29.19 7.82
C ALA C 284 -32.20 -30.10 8.71
N GLU C 285 -31.55 -31.05 9.38
CA GLU C 285 -32.30 -32.02 10.17
C GLU C 285 -32.88 -31.42 11.45
N LYS C 286 -32.42 -30.23 11.84
CA LYS C 286 -33.07 -29.55 12.95
C LYS C 286 -34.26 -28.72 12.47
N VAL C 287 -34.17 -28.12 11.29
CA VAL C 287 -35.29 -27.35 10.78
C VAL C 287 -36.44 -28.24 10.31
N LEU C 288 -36.15 -29.47 9.85
CA LEU C 288 -37.25 -30.38 9.55
C LEU C 288 -37.81 -31.05 10.81
N ALA C 289 -37.16 -30.87 11.96
CA ALA C 289 -37.64 -31.45 13.20
C ALA C 289 -38.47 -30.46 14.00
N ILE C 294 -34.50 -21.56 16.30
CA ILE C 294 -34.19 -20.63 15.22
C ILE C 294 -35.11 -19.40 15.28
N GLU C 295 -36.37 -19.61 15.66
CA GLU C 295 -37.29 -18.51 15.85
C GLU C 295 -37.22 -17.96 17.28
N ASP C 296 -36.91 -18.81 18.25
CA ASP C 296 -36.74 -18.34 19.62
C ASP C 296 -35.55 -17.39 19.73
N TYR C 297 -34.44 -17.72 19.07
CA TYR C 297 -33.23 -16.93 19.19
C TYR C 297 -33.19 -15.73 18.26
N PHE C 298 -33.90 -15.78 17.13
CA PHE C 298 -33.87 -14.70 16.13
C PHE C 298 -35.31 -14.41 15.71
N PRO C 299 -35.90 -13.33 16.20
CA PRO C 299 -37.32 -13.08 15.92
C PRO C 299 -37.62 -12.71 14.49
N GLU C 300 -36.64 -12.33 13.69
CA GLU C 300 -36.87 -11.91 12.32
C GLU C 300 -36.77 -13.06 11.31
N PHE C 301 -36.85 -14.30 11.77
CA PHE C 301 -36.94 -15.41 10.85
C PHE C 301 -38.34 -15.52 10.26
N ALA C 302 -39.37 -15.39 11.11
CA ALA C 302 -40.75 -15.46 10.63
C ALA C 302 -41.08 -14.30 9.70
N ARG C 303 -40.35 -13.19 9.82
CA ARG C 303 -40.47 -12.08 8.88
C ARG C 303 -39.65 -12.32 7.61
N TYR C 304 -38.65 -13.20 7.68
CA TYR C 304 -37.68 -13.37 6.61
C TYR C 304 -38.24 -14.16 5.45
N THR C 305 -37.81 -13.80 4.25
CA THR C 305 -38.13 -14.56 3.05
C THR C 305 -36.86 -14.90 2.29
N THR C 306 -36.89 -16.04 1.61
CA THR C 306 -35.71 -16.55 0.92
C THR C 306 -35.32 -15.61 -0.21
N PRO C 307 -34.03 -15.31 -0.38
CA PRO C 307 -33.63 -14.30 -1.37
C PRO C 307 -33.91 -14.73 -2.80
N GLU C 308 -33.78 -13.74 -3.69
CA GLU C 308 -33.92 -13.98 -5.12
C GLU C 308 -32.73 -14.71 -5.71
N ASP C 309 -31.59 -14.67 -5.03
CA ASP C 309 -30.40 -15.41 -5.47
C ASP C 309 -30.34 -16.82 -4.90
N ALA C 310 -31.46 -17.35 -4.42
CA ALA C 310 -31.49 -18.67 -3.81
C ALA C 310 -31.20 -19.74 -4.86
N THR C 311 -30.15 -20.51 -4.65
CA THR C 311 -29.69 -21.50 -5.62
C THR C 311 -29.36 -22.79 -4.90
N PRO C 312 -30.37 -23.52 -4.45
CA PRO C 312 -30.13 -24.80 -3.79
C PRO C 312 -29.99 -25.93 -4.80
N GLU C 313 -29.38 -27.02 -4.34
CA GLU C 313 -29.21 -28.18 -5.19
C GLU C 313 -30.55 -28.89 -5.37
N PRO C 314 -30.72 -29.63 -6.46
CA PRO C 314 -31.98 -30.40 -6.64
C PRO C 314 -32.15 -31.42 -5.55
N GLY C 315 -33.27 -31.31 -4.83
CA GLY C 315 -33.53 -32.14 -3.68
C GLY C 315 -33.47 -31.42 -2.35
N GLU C 316 -33.75 -30.12 -2.31
CA GLU C 316 -33.60 -29.32 -1.11
C GLU C 316 -34.97 -28.86 -0.60
N ASP C 317 -35.10 -28.82 0.73
CA ASP C 317 -36.31 -28.25 1.34
C ASP C 317 -36.35 -26.75 1.09
N PRO C 318 -37.52 -26.19 0.77
CA PRO C 318 -37.63 -24.73 0.72
C PRO C 318 -37.51 -24.06 2.08
N ARG C 319 -37.43 -24.82 3.17
CA ARG C 319 -37.32 -24.22 4.49
C ARG C 319 -35.93 -24.33 5.09
N VAL C 320 -35.10 -25.27 4.64
CA VAL C 320 -33.70 -25.26 5.05
C VAL C 320 -32.94 -24.18 4.31
N THR C 321 -33.23 -24.02 3.01
CA THR C 321 -32.69 -22.93 2.23
C THR C 321 -32.90 -21.61 2.94
N ARG C 322 -34.08 -21.42 3.50
CA ARG C 322 -34.42 -20.17 4.15
C ARG C 322 -33.60 -19.97 5.42
N ALA C 323 -33.35 -21.04 6.17
CA ALA C 323 -32.53 -20.93 7.36
C ALA C 323 -31.10 -20.54 7.01
N LYS C 324 -30.50 -21.24 6.04
CA LYS C 324 -29.11 -20.94 5.73
C LYS C 324 -28.96 -19.56 5.10
N TYR C 325 -29.96 -19.14 4.33
CA TYR C 325 -29.87 -17.81 3.74
C TYR C 325 -30.14 -16.72 4.76
N PHE C 326 -30.93 -17.01 5.79
CA PHE C 326 -31.09 -16.07 6.89
C PHE C 326 -29.76 -15.84 7.60
N ILE C 327 -29.04 -16.91 7.91
CA ILE C 327 -27.76 -16.76 8.60
C ILE C 327 -26.74 -16.00 7.75
N ARG C 328 -26.69 -16.32 6.45
CA ARG C 328 -25.81 -15.57 5.56
C ARG C 328 -26.14 -14.10 5.55
N ASP C 329 -27.43 -13.76 5.47
CA ASP C 329 -27.81 -12.36 5.45
C ASP C 329 -27.49 -11.68 6.77
N GLU C 330 -27.53 -12.41 7.88
CA GLU C 330 -27.17 -11.82 9.15
C GLU C 330 -25.68 -11.50 9.22
N PHE C 331 -24.83 -12.25 8.52
CA PHE C 331 -23.43 -11.83 8.47
C PHE C 331 -23.19 -10.70 7.48
N LEU C 332 -23.91 -10.72 6.35
CA LEU C 332 -23.74 -9.66 5.37
C LEU C 332 -24.33 -8.35 5.83
N ARG C 333 -25.26 -8.36 6.78
CA ARG C 333 -25.74 -7.14 7.38
C ARG C 333 -24.61 -6.39 8.06
N ILE C 334 -23.67 -7.12 8.66
CA ILE C 334 -22.51 -6.48 9.28
C ILE C 334 -21.49 -6.09 8.23
N SER C 335 -21.19 -7.00 7.30
CA SER C 335 -20.07 -6.75 6.40
C SER C 335 -20.37 -5.65 5.39
N THR C 336 -21.63 -5.28 5.23
CA THR C 336 -22.05 -4.31 4.22
C THR C 336 -22.07 -2.88 4.76
N ALA C 337 -22.21 -2.70 6.06
CA ALA C 337 -22.39 -1.38 6.63
C ALA C 337 -21.12 -0.57 6.71
N SER C 338 -19.95 -1.17 6.46
CA SER C 338 -18.70 -0.43 6.59
C SER C 338 -17.65 -1.02 5.64
N GLY C 339 -16.72 -0.15 5.27
CA GLY C 339 -15.53 -0.54 4.52
C GLY C 339 -15.47 0.01 3.12
N ASP C 340 -16.60 -0.05 2.40
CA ASP C 340 -16.78 0.49 1.05
C ASP C 340 -15.55 0.31 0.15
N GLY C 341 -15.01 -0.90 0.14
CA GLY C 341 -14.00 -1.23 -0.85
C GLY C 341 -12.55 -1.24 -0.39
N ARG C 342 -12.28 -1.79 0.78
CA ARG C 342 -10.90 -1.98 1.24
C ARG C 342 -10.73 -3.41 1.72
N HIS C 343 -11.83 -4.03 2.14
CA HIS C 343 -11.86 -5.42 2.54
C HIS C 343 -13.22 -5.98 2.20
N TYR C 344 -13.29 -7.29 2.00
CA TYR C 344 -14.49 -7.94 1.49
C TYR C 344 -14.82 -9.16 2.34
N CYS C 345 -15.98 -9.75 2.04
CA CYS C 345 -16.47 -10.93 2.75
C CYS C 345 -16.90 -11.96 1.73
N TYR C 346 -16.45 -13.20 1.91
CA TYR C 346 -16.69 -14.28 0.96
C TYR C 346 -17.39 -15.43 1.68
N PRO C 347 -18.71 -15.37 1.80
CA PRO C 347 -19.43 -16.38 2.55
C PRO C 347 -19.65 -17.65 1.75
N HIS C 348 -19.59 -18.79 2.47
CA HIS C 348 -19.73 -20.08 1.84
C HIS C 348 -20.43 -21.06 2.79
N PHE C 349 -21.04 -22.08 2.20
CA PHE C 349 -21.78 -23.11 2.92
C PHE C 349 -21.05 -24.43 2.79
N THR C 350 -20.57 -24.98 3.91
CA THR C 350 -19.86 -26.24 3.91
C THR C 350 -20.53 -27.23 4.86
N CYS C 351 -20.51 -28.50 4.48
CA CYS C 351 -21.02 -29.58 5.32
C CYS C 351 -19.86 -30.19 6.10
N ALA C 352 -20.08 -31.39 6.64
CA ALA C 352 -19.04 -32.06 7.41
C ALA C 352 -17.88 -32.48 6.51
N VAL C 353 -18.17 -33.30 5.49
CA VAL C 353 -17.14 -33.84 4.62
C VAL C 353 -17.40 -33.36 3.19
N ASP C 354 -16.52 -32.48 2.71
CA ASP C 354 -16.47 -32.09 1.30
C ASP C 354 -15.13 -31.42 1.06
N THR C 355 -14.51 -31.75 -0.08
CA THR C 355 -13.15 -31.35 -0.39
C THR C 355 -13.08 -30.09 -1.24
N GLU C 356 -14.19 -29.42 -1.47
CA GLU C 356 -14.20 -28.22 -2.29
C GLU C 356 -13.72 -26.98 -1.54
N ASN C 357 -13.52 -27.09 -0.23
CA ASN C 357 -13.19 -25.90 0.56
C ASN C 357 -11.81 -25.38 0.24
N ILE C 358 -10.89 -26.27 -0.12
CA ILE C 358 -9.53 -25.85 -0.48
C ILE C 358 -9.56 -25.03 -1.76
N ARG C 359 -10.27 -25.53 -2.79
CA ARG C 359 -10.42 -24.77 -4.03
C ARG C 359 -11.18 -23.46 -3.81
N ARG C 360 -12.11 -23.44 -2.85
CA ARG C 360 -12.81 -22.21 -2.55
C ARG C 360 -11.89 -21.16 -1.95
N VAL C 361 -11.01 -21.58 -1.03
CA VAL C 361 -10.02 -20.66 -0.48
C VAL C 361 -9.08 -20.16 -1.59
N PHE C 362 -8.70 -21.06 -2.49
CA PHE C 362 -7.85 -20.68 -3.62
C PHE C 362 -8.51 -19.59 -4.47
N ASN C 363 -9.78 -19.80 -4.81
CA ASN C 363 -10.48 -18.84 -5.67
C ASN C 363 -10.70 -17.50 -4.96
N ASP C 364 -11.06 -17.55 -3.67
CA ASP C 364 -11.27 -16.32 -2.92
C ASP C 364 -9.97 -15.53 -2.80
N CYS C 365 -8.84 -16.22 -2.62
CA CYS C 365 -7.55 -15.54 -2.54
C CYS C 365 -7.16 -14.92 -3.87
N ARG C 366 -7.43 -15.62 -4.97
CA ARG C 366 -7.20 -15.04 -6.29
C ARG C 366 -8.00 -13.77 -6.47
N ASP C 367 -9.27 -13.79 -6.07
CA ASP C 367 -10.11 -12.62 -6.19
C ASP C 367 -9.58 -11.47 -5.34
N ILE C 368 -9.11 -11.79 -4.13
CA ILE C 368 -8.61 -10.75 -3.23
C ILE C 368 -7.38 -10.07 -3.84
N ILE C 369 -6.46 -10.87 -4.37
CA ILE C 369 -5.24 -10.29 -4.93
C ILE C 369 -5.55 -9.47 -6.17
N GLN C 370 -6.48 -9.95 -6.99
CA GLN C 370 -6.88 -9.20 -8.18
C GLN C 370 -7.49 -7.87 -7.79
N ARG C 371 -8.30 -7.85 -6.74
CA ARG C 371 -8.90 -6.59 -6.32
C ARG C 371 -7.84 -5.64 -5.77
N MET C 372 -6.83 -6.18 -5.08
CA MET C 372 -5.73 -5.35 -4.62
C MET C 372 -5.05 -4.66 -5.79
N HIS C 373 -4.78 -5.41 -6.86
CA HIS C 373 -4.11 -4.84 -8.01
C HIS C 373 -4.98 -3.81 -8.72
N LEU C 374 -6.26 -4.12 -8.93
CA LEU C 374 -7.14 -3.15 -9.57
C LEU C 374 -7.34 -1.91 -8.72
N ARG C 375 -7.13 -2.00 -7.42
CA ARG C 375 -7.21 -0.81 -6.58
C ARG C 375 -5.92 0.00 -6.62
N GLN C 376 -4.77 -0.65 -6.85
CA GLN C 376 -3.53 0.11 -7.01
C GLN C 376 -3.60 1.03 -8.21
N TYR C 377 -4.21 0.57 -9.30
CA TYR C 377 -4.39 1.36 -10.50
C TYR C 377 -5.59 2.30 -10.42
N GLU C 378 -6.31 2.31 -9.30
CA GLU C 378 -7.50 3.13 -9.10
C GLU C 378 -8.57 2.86 -10.16
N LEU C 379 -8.84 1.59 -10.38
CA LEU C 379 -9.91 1.17 -11.27
C LEU C 379 -11.12 0.60 -10.54
N LEU C 380 -11.07 0.49 -9.22
CA LEU C 380 -12.19 0.01 -8.44
C LEU C 380 -12.56 0.99 -7.34
N GLU D 17 -17.41 -17.26 53.38
CA GLU D 17 -17.37 -15.84 53.68
C GLU D 17 -16.73 -15.06 52.53
N LEU D 18 -17.38 -15.09 51.36
CA LEU D 18 -16.88 -14.32 50.24
C LEU D 18 -17.15 -12.84 50.43
N ASP D 19 -18.35 -12.50 50.92
CA ASP D 19 -18.72 -11.10 51.09
C ASP D 19 -17.86 -10.42 52.16
N GLN D 20 -17.48 -11.16 53.21
CA GLN D 20 -16.61 -10.58 54.21
C GLN D 20 -15.24 -10.25 53.63
N LEU D 21 -14.72 -11.10 52.76
CA LEU D 21 -13.45 -10.81 52.12
C LEU D 21 -13.58 -9.63 51.15
N ARG D 22 -14.72 -9.52 50.47
CA ARG D 22 -14.99 -8.36 49.64
C ARG D 22 -14.93 -7.07 50.45
N GLN D 23 -15.61 -7.04 51.59
CA GLN D 23 -15.64 -5.80 52.36
C GLN D 23 -14.30 -5.53 53.06
N GLU D 24 -13.55 -6.58 53.41
CA GLU D 24 -12.19 -6.37 53.88
C GLU D 24 -11.31 -5.74 52.82
N ALA D 25 -11.40 -6.23 51.58
CA ALA D 25 -10.61 -5.65 50.51
C ALA D 25 -10.99 -4.20 50.26
N GLU D 26 -12.28 -3.88 50.36
CA GLU D 26 -12.68 -2.49 50.14
C GLU D 26 -12.20 -1.58 51.26
N GLN D 27 -12.25 -2.06 52.50
CA GLN D 27 -11.71 -1.27 53.61
C GLN D 27 -10.21 -1.07 53.45
N LEU D 28 -9.51 -2.08 52.94
CA LEU D 28 -8.08 -1.97 52.73
C LEU D 28 -7.75 -0.95 51.64
N LYS D 29 -8.48 -0.99 50.52
CA LYS D 29 -8.18 -0.02 49.46
C LYS D 29 -8.57 1.39 49.87
N ASN D 30 -9.57 1.54 50.73
CA ASN D 30 -9.89 2.88 51.22
C ASN D 30 -8.83 3.37 52.20
N GLN D 31 -8.25 2.47 53.01
CA GLN D 31 -7.12 2.85 53.85
C GLN D 31 -5.92 3.26 53.01
N ILE D 32 -5.68 2.57 51.90
CA ILE D 32 -4.56 2.94 51.03
C ILE D 32 -4.82 4.30 50.40
N ARG D 33 -6.06 4.54 49.97
CA ARG D 33 -6.40 5.85 49.40
C ARG D 33 -6.21 6.96 50.42
N ASP D 34 -6.61 6.71 51.67
CA ASP D 34 -6.39 7.70 52.73
C ASP D 34 -4.91 7.92 52.99
N ALA D 35 -4.10 6.86 52.91
CA ALA D 35 -2.67 7.02 53.12
C ALA D 35 -2.01 7.78 51.97
N ARG D 36 -2.53 7.65 50.76
CA ARG D 36 -1.95 8.36 49.63
C ARG D 36 -2.39 9.83 49.59
N LYS D 37 -3.63 10.12 49.94
CA LYS D 37 -4.10 11.49 49.87
C LYS D 37 -3.55 12.38 50.98
N ALA D 38 -2.85 11.83 51.96
CA ALA D 38 -2.24 12.63 53.00
C ALA D 38 -0.81 13.05 52.65
N CYS D 39 -0.20 12.39 51.68
CA CYS D 39 1.17 12.66 51.28
C CYS D 39 1.28 13.55 50.06
N ALA D 40 0.15 13.94 49.47
CA ALA D 40 0.15 14.81 48.31
C ALA D 40 -0.02 16.26 48.76
N ASP D 41 1.00 16.75 49.48
CA ASP D 41 0.95 18.12 49.97
C ASP D 41 0.98 19.13 48.85
N ALA D 42 1.66 18.82 47.74
CA ALA D 42 1.67 19.71 46.60
C ALA D 42 1.92 18.88 45.34
N THR D 43 1.63 19.48 44.20
CA THR D 43 1.74 18.80 42.93
C THR D 43 3.08 19.08 42.28
N LEU D 44 3.45 18.24 41.32
CA LEU D 44 4.71 18.43 40.61
C LEU D 44 4.69 19.70 39.78
N SER D 45 3.51 20.09 39.29
CA SER D 45 3.42 21.33 38.52
C SER D 45 3.63 22.56 39.39
N GLN D 46 3.19 22.51 40.65
CA GLN D 46 3.37 23.65 41.53
C GLN D 46 4.82 23.87 41.92
N ILE D 47 5.67 22.86 41.75
CA ILE D 47 7.06 22.94 42.16
C ILE D 47 7.97 23.23 40.98
N THR D 48 7.67 22.67 39.82
CA THR D 48 8.41 22.96 38.60
C THR D 48 7.79 24.08 37.79
N ASN D 49 7.06 24.98 38.44
CA ASN D 49 6.41 26.09 37.75
C ASN D 49 7.40 27.19 37.39
N ASN D 50 8.53 27.26 38.07
CA ASN D 50 9.52 28.31 37.84
C ASN D 50 10.69 27.86 36.98
N ILE D 51 10.73 26.59 36.58
CA ILE D 51 11.80 26.08 35.75
C ILE D 51 11.68 26.67 34.35
N ASP D 52 12.80 27.05 33.77
CA ASP D 52 12.78 27.55 32.41
C ASP D 52 12.43 26.44 31.43
N PRO D 53 11.63 26.72 30.41
CA PRO D 53 11.22 25.69 29.47
C PRO D 53 12.37 25.16 28.63
N VAL D 54 12.22 23.93 28.17
CA VAL D 54 13.31 23.23 27.50
C VAL D 54 13.64 23.81 26.14
N GLY D 55 12.77 24.61 25.57
CA GLY D 55 12.95 25.06 24.22
C GLY D 55 12.52 24.01 23.21
N ARG D 56 12.10 24.49 22.04
CA ARG D 56 11.65 23.59 20.99
C ARG D 56 12.81 22.73 20.52
N ILE D 57 12.58 21.43 20.45
CA ILE D 57 13.62 20.46 20.16
C ILE D 57 13.34 19.84 18.79
N GLN D 58 14.29 19.99 17.87
CA GLN D 58 14.13 19.51 16.51
C GLN D 58 15.19 18.48 16.20
N MET D 59 14.75 17.27 15.84
CA MET D 59 15.63 16.18 15.46
C MET D 59 15.44 15.86 13.99
N ARG D 60 16.44 15.19 13.42
CA ARG D 60 16.44 14.87 12.00
C ARG D 60 16.79 13.40 11.83
N THR D 61 16.32 12.81 10.76
CA THR D 61 16.58 11.40 10.52
C THR D 61 17.98 11.29 9.95
N ARG D 62 18.93 10.92 10.81
CA ARG D 62 20.28 10.65 10.34
C ARG D 62 20.31 9.42 9.46
N ARG D 63 19.93 8.27 10.01
CA ARG D 63 19.97 7.01 9.28
C ARG D 63 18.59 6.41 9.18
N THR D 64 18.28 5.89 8.00
CA THR D 64 17.11 5.05 7.78
C THR D 64 17.60 3.66 7.43
N LEU D 65 17.08 2.65 8.11
CA LEU D 65 17.57 1.29 7.97
C LEU D 65 16.53 0.44 7.26
N ARG D 66 16.91 -0.13 6.12
CA ARG D 66 16.02 -0.86 5.25
C ARG D 66 16.49 -2.30 5.12
N GLY D 67 15.54 -3.22 4.94
CA GLY D 67 15.87 -4.63 4.82
C GLY D 67 14.83 -5.56 5.34
N HIS D 68 13.93 -5.07 6.19
CA HIS D 68 12.87 -5.89 6.72
C HIS D 68 11.70 -5.97 5.75
N LEU D 69 11.17 -7.18 5.57
CA LEU D 69 10.07 -7.36 4.63
C LEU D 69 8.73 -6.94 5.20
N ALA D 70 8.56 -6.98 6.53
CA ALA D 70 7.25 -6.80 7.13
C ALA D 70 7.39 -5.92 8.36
N LYS D 71 6.34 -5.89 9.17
CA LYS D 71 6.26 -4.96 10.30
C LYS D 71 7.34 -5.26 11.34
N ILE D 72 7.87 -4.21 11.92
CA ILE D 72 8.84 -4.30 13.00
C ILE D 72 8.08 -4.17 14.30
N TYR D 73 8.17 -5.20 15.14
CA TYR D 73 7.55 -5.11 16.46
C TYR D 73 8.50 -4.73 17.57
N ALA D 74 9.79 -5.03 17.46
CA ALA D 74 10.69 -4.82 18.57
C ALA D 74 12.06 -4.37 18.07
N MET D 75 12.68 -3.47 18.82
CA MET D 75 14.09 -3.17 18.66
C MET D 75 14.70 -2.98 20.04
N HIS D 76 16.00 -3.22 20.14
CA HIS D 76 16.72 -3.01 21.39
C HIS D 76 18.13 -2.55 21.05
N TRP D 77 18.58 -1.50 21.71
CA TRP D 77 19.95 -1.06 21.50
C TRP D 77 20.93 -2.00 22.18
N GLY D 78 22.15 -1.95 21.72
CA GLY D 78 23.23 -2.58 22.46
C GLY D 78 23.80 -1.63 23.48
N THR D 79 24.54 -2.18 24.43
CA THR D 79 25.11 -1.38 25.50
C THR D 79 26.36 -0.62 25.09
N ASP D 80 26.79 -0.76 23.85
CA ASP D 80 27.89 0.03 23.30
C ASP D 80 27.40 1.17 22.42
N SER D 81 26.10 1.29 22.23
CA SER D 81 25.40 2.36 21.54
C SER D 81 25.65 2.37 20.03
N ARG D 82 26.35 1.39 19.49
CA ARG D 82 26.52 1.24 18.05
C ARG D 82 25.64 0.14 17.47
N LEU D 83 25.67 -1.03 18.08
CA LEU D 83 24.94 -2.17 17.55
C LEU D 83 23.51 -2.18 18.05
N LEU D 84 22.62 -2.67 17.19
CA LEU D 84 21.17 -2.56 17.38
C LEU D 84 20.51 -3.78 16.79
N VAL D 85 19.55 -4.36 17.49
CA VAL D 85 18.80 -5.51 17.00
C VAL D 85 17.38 -5.09 16.70
N SER D 86 16.76 -5.77 15.74
CA SER D 86 15.37 -5.54 15.39
C SER D 86 14.70 -6.86 15.01
N ALA D 87 13.39 -6.90 15.15
CA ALA D 87 12.58 -8.09 14.89
C ALA D 87 11.44 -7.74 13.96
N SER D 88 11.26 -8.53 12.93
CA SER D 88 10.19 -8.35 11.97
C SER D 88 9.36 -9.61 11.89
N GLN D 89 8.07 -9.44 11.60
CA GLN D 89 7.17 -10.57 11.58
C GLN D 89 7.22 -11.33 10.27
N ASP D 90 8.26 -11.11 9.47
CA ASP D 90 8.60 -12.02 8.38
C ASP D 90 9.48 -13.16 8.84
N GLY D 91 10.05 -13.06 10.04
CA GLY D 91 10.81 -14.14 10.62
C GLY D 91 12.31 -13.94 10.58
N LYS D 92 12.78 -12.71 10.80
CA LYS D 92 14.21 -12.44 10.79
C LYS D 92 14.56 -11.49 11.91
N LEU D 93 15.62 -11.81 12.64
CA LEU D 93 16.31 -10.87 13.49
C LEU D 93 17.48 -10.30 12.70
N ILE D 94 17.71 -9.00 12.81
CA ILE D 94 18.84 -8.35 12.15
C ILE D 94 19.58 -7.49 13.17
N ILE D 95 20.89 -7.64 13.22
CA ILE D 95 21.75 -6.80 14.06
C ILE D 95 22.45 -5.80 13.16
N TRP D 96 22.23 -4.51 13.38
CA TRP D 96 22.74 -3.46 12.53
C TRP D 96 23.93 -2.76 13.17
N ASP D 97 24.82 -2.28 12.32
CA ASP D 97 25.82 -1.29 12.69
C ASP D 97 25.24 0.06 12.29
N SER D 98 24.75 0.81 13.28
CA SER D 98 24.03 2.04 13.02
C SER D 98 24.93 3.16 12.51
N TYR D 99 26.22 3.12 12.83
CA TYR D 99 27.11 4.17 12.36
C TYR D 99 27.37 4.05 10.87
N THR D 100 27.35 2.83 10.34
CA THR D 100 27.64 2.57 8.94
C THR D 100 26.45 2.02 8.16
N THR D 101 25.30 1.82 8.81
CA THR D 101 24.11 1.23 8.18
C THR D 101 24.42 -0.10 7.52
N ASN D 102 25.15 -0.96 8.23
CA ASN D 102 25.52 -2.27 7.72
C ASN D 102 24.88 -3.34 8.57
N LYS D 103 24.36 -4.37 7.91
CA LYS D 103 23.74 -5.47 8.62
C LYS D 103 24.83 -6.43 9.08
N VAL D 104 25.02 -6.52 10.40
CA VAL D 104 26.08 -7.36 10.94
C VAL D 104 25.67 -8.82 10.99
N HIS D 105 24.38 -9.09 11.26
CA HIS D 105 23.86 -10.45 11.27
C HIS D 105 22.45 -10.44 10.72
N ALA D 106 21.96 -11.63 10.37
CA ALA D 106 20.59 -11.79 9.89
C ALA D 106 20.15 -13.20 10.23
N ILE D 107 19.32 -13.33 11.25
CA ILE D 107 19.04 -14.62 11.88
C ILE D 107 17.64 -15.07 11.43
N PRO D 108 17.52 -16.22 10.78
CA PRO D 108 16.19 -16.74 10.45
C PRO D 108 15.56 -17.44 11.65
N LEU D 109 14.32 -17.09 11.95
CA LEU D 109 13.61 -17.65 13.08
C LEU D 109 12.76 -18.82 12.65
N ARG D 110 12.31 -19.61 13.64
CA ARG D 110 11.53 -20.80 13.35
C ARG D 110 10.05 -20.49 13.25
N SER D 111 9.52 -19.71 14.18
CA SER D 111 8.18 -19.16 14.07
C SER D 111 8.28 -17.70 13.73
N SER D 112 7.47 -17.25 12.78
CA SER D 112 7.60 -15.91 12.25
C SER D 112 6.94 -14.84 13.10
N TRP D 113 6.11 -15.21 14.07
CA TRP D 113 5.40 -14.20 14.86
C TRP D 113 6.20 -13.82 16.09
N VAL D 114 7.34 -13.18 15.80
CA VAL D 114 8.12 -12.54 16.84
C VAL D 114 7.38 -11.32 17.34
N MET D 115 7.46 -11.08 18.63
CA MET D 115 6.83 -9.92 19.24
C MET D 115 7.74 -9.19 20.19
N THR D 116 8.91 -9.74 20.53
CA THR D 116 9.84 -9.09 21.42
C THR D 116 11.25 -9.52 21.04
N CYS D 117 12.20 -8.63 21.25
CA CYS D 117 13.60 -8.94 21.08
C CYS D 117 14.39 -8.18 22.13
N ALA D 118 15.44 -8.81 22.64
CA ALA D 118 16.29 -8.20 23.64
C ALA D 118 17.75 -8.45 23.28
N TYR D 119 18.62 -7.69 23.92
CA TYR D 119 20.05 -7.74 23.68
C TYR D 119 20.73 -7.95 25.02
N ALA D 120 21.69 -8.85 25.07
CA ALA D 120 22.40 -9.07 26.32
C ALA D 120 23.37 -7.92 26.58
N PRO D 121 23.47 -7.45 27.83
CA PRO D 121 24.44 -6.39 28.13
C PRO D 121 25.88 -6.78 27.86
N SER D 122 26.19 -8.08 27.91
CA SER D 122 27.53 -8.51 27.55
C SER D 122 27.74 -8.46 26.04
N GLY D 123 26.69 -8.70 25.28
CA GLY D 123 26.75 -8.60 23.84
C GLY D 123 26.83 -9.92 23.11
N ASN D 124 26.89 -11.03 23.84
CA ASN D 124 27.06 -12.33 23.20
C ASN D 124 25.75 -13.06 22.96
N TYR D 125 24.62 -12.47 23.31
CA TYR D 125 23.34 -13.16 23.20
C TYR D 125 22.24 -12.23 22.75
N VAL D 126 21.26 -12.80 22.07
CA VAL D 126 20.02 -12.14 21.68
C VAL D 126 18.87 -13.10 21.95
N ALA D 127 17.77 -12.57 22.49
CA ALA D 127 16.59 -13.36 22.78
C ALA D 127 15.39 -12.85 21.99
N CYS D 128 14.64 -13.74 21.36
CA CYS D 128 13.40 -13.40 20.68
C CYS D 128 12.23 -14.14 21.33
N GLY D 129 11.05 -14.01 20.75
CA GLY D 129 9.89 -14.73 21.24
C GLY D 129 8.61 -14.07 20.83
N GLY D 130 7.54 -14.87 20.83
CA GLY D 130 6.23 -14.38 20.45
C GLY D 130 5.10 -15.37 20.61
N LEU D 131 4.28 -15.54 19.58
CA LEU D 131 3.11 -16.40 19.61
C LEU D 131 3.43 -17.86 19.65
N ASP D 132 4.68 -18.28 19.82
CA ASP D 132 5.02 -19.68 20.00
C ASP D 132 5.17 -20.07 21.46
N ASN D 133 5.07 -19.09 22.36
CA ASN D 133 5.18 -19.29 23.81
C ASN D 133 6.55 -19.82 24.21
N ILE D 134 7.59 -19.43 23.49
CA ILE D 134 8.95 -19.88 23.75
C ILE D 134 9.88 -18.68 23.62
N CYS D 135 10.86 -18.58 24.51
CA CYS D 135 11.91 -17.57 24.40
C CYS D 135 13.19 -18.25 23.95
N SER D 136 13.59 -17.99 22.71
CA SER D 136 14.82 -18.53 22.16
C SER D 136 15.98 -17.60 22.47
N ILE D 137 17.16 -18.19 22.65
CA ILE D 137 18.36 -17.47 23.04
C ILE D 137 19.45 -17.83 22.04
N TYR D 138 19.89 -16.85 21.26
CA TYR D 138 20.87 -17.08 20.20
C TYR D 138 22.26 -16.66 20.66
N ASN D 139 23.26 -17.41 20.24
CA ASN D 139 24.65 -17.15 20.58
C ASN D 139 25.33 -16.47 19.41
N LEU D 140 25.76 -15.23 19.62
CA LEU D 140 26.42 -14.47 18.57
C LEU D 140 27.92 -14.72 18.54
N LYS D 141 28.57 -14.76 19.71
CA LYS D 141 30.00 -15.03 19.80
C LYS D 141 30.16 -16.53 19.97
N THR D 142 30.10 -17.25 18.86
CA THR D 142 30.23 -18.69 18.87
C THR D 142 31.57 -19.12 18.32
N ARG D 143 31.97 -20.35 18.69
CA ARG D 143 33.31 -20.84 18.34
C ARG D 143 33.47 -21.02 16.84
N GLU D 144 32.39 -21.39 16.16
CA GLU D 144 32.45 -21.53 14.72
C GLU D 144 32.30 -20.17 14.03
N GLY D 145 31.18 -19.48 14.28
CA GLY D 145 30.97 -18.19 13.67
C GLY D 145 29.53 -17.87 13.30
N ASN D 146 28.71 -18.88 12.99
CA ASN D 146 27.34 -18.63 12.58
C ASN D 146 26.40 -18.74 13.79
N VAL D 147 25.35 -17.94 13.77
CA VAL D 147 24.51 -17.74 14.94
C VAL D 147 23.52 -18.90 15.05
N ARG D 148 23.73 -19.75 16.04
CA ARG D 148 22.82 -20.84 16.37
C ARG D 148 22.04 -20.49 17.63
N VAL D 149 20.98 -21.26 17.87
CA VAL D 149 20.15 -21.09 19.06
C VAL D 149 20.77 -21.86 20.21
N SER D 150 20.88 -21.20 21.37
CA SER D 150 21.48 -21.80 22.54
C SER D 150 20.44 -22.55 23.37
N ARG D 151 19.35 -21.87 23.74
CA ARG D 151 18.27 -22.48 24.50
C ARG D 151 16.93 -22.05 23.93
N GLU D 152 15.93 -22.89 24.14
CA GLU D 152 14.53 -22.55 23.91
C GLU D 152 13.78 -22.78 25.21
N LEU D 153 13.40 -21.71 25.88
CA LEU D 153 12.81 -21.76 27.21
C LEU D 153 11.30 -21.91 27.06
N ALA D 154 10.82 -23.14 27.18
CA ALA D 154 9.39 -23.42 27.18
C ALA D 154 8.87 -23.45 28.60
N GLY D 155 7.59 -23.13 28.76
CA GLY D 155 7.01 -23.12 30.09
C GLY D 155 5.96 -22.07 30.33
N HIS D 156 5.77 -21.15 29.39
CA HIS D 156 4.67 -20.21 29.48
C HIS D 156 3.43 -20.80 28.83
N THR D 157 2.27 -20.28 29.20
CA THR D 157 1.03 -20.73 28.61
C THR D 157 0.54 -19.83 27.49
N GLY D 158 0.82 -18.53 27.54
CA GLY D 158 0.44 -17.62 26.49
C GLY D 158 1.64 -17.02 25.76
N TYR D 159 1.31 -16.11 24.83
CA TYR D 159 2.33 -15.50 23.99
C TYR D 159 3.30 -14.69 24.84
N LEU D 160 4.50 -14.51 24.30
CA LEU D 160 5.58 -13.83 25.00
C LEU D 160 5.61 -12.38 24.55
N SER D 161 5.33 -11.46 25.47
CA SER D 161 5.18 -10.06 25.14
C SER D 161 6.44 -9.24 25.35
N CYS D 162 7.28 -9.62 26.30
CA CYS D 162 8.53 -8.89 26.52
C CYS D 162 9.53 -9.82 27.18
N CYS D 163 10.80 -9.44 27.10
CA CYS D 163 11.87 -10.18 27.76
C CYS D 163 13.09 -9.28 27.90
N ARG D 164 13.72 -9.30 29.06
CA ARG D 164 14.92 -8.52 29.32
C ARG D 164 15.93 -9.36 30.06
N PHE D 165 17.19 -9.30 29.63
CA PHE D 165 18.27 -10.00 30.30
C PHE D 165 18.61 -9.33 31.63
N LEU D 166 19.26 -10.08 32.50
CA LEU D 166 19.88 -9.54 33.70
C LEU D 166 21.38 -9.74 33.70
N ASP D 167 21.82 -10.97 33.51
CA ASP D 167 23.20 -11.26 33.18
C ASP D 167 23.17 -12.17 31.96
N ASP D 168 24.30 -12.77 31.62
CA ASP D 168 24.28 -13.74 30.55
C ASP D 168 23.65 -15.06 30.96
N ASN D 169 23.23 -15.20 32.22
CA ASN D 169 22.60 -16.44 32.69
C ASN D 169 21.17 -16.27 33.14
N GLN D 170 20.66 -15.04 33.26
CA GLN D 170 19.30 -14.83 33.71
C GLN D 170 18.54 -13.98 32.70
N ILE D 171 17.22 -14.13 32.70
CA ILE D 171 16.34 -13.38 31.81
C ILE D 171 14.93 -13.36 32.40
N VAL D 172 14.28 -12.20 32.39
CA VAL D 172 12.92 -12.05 32.88
C VAL D 172 11.98 -11.95 31.68
N THR D 173 10.92 -12.75 31.68
CA THR D 173 9.98 -12.78 30.58
C THR D 173 8.58 -12.39 31.05
N SER D 174 7.83 -11.77 30.15
CA SER D 174 6.46 -11.35 30.38
C SER D 174 5.56 -12.06 29.37
N SER D 175 4.36 -12.44 29.79
CA SER D 175 3.55 -13.28 28.94
C SER D 175 2.09 -12.89 28.98
N GLY D 176 1.32 -13.48 28.08
CA GLY D 176 -0.11 -13.35 27.97
C GLY D 176 -0.90 -14.25 28.88
N ASP D 177 -0.25 -15.12 29.65
CA ASP D 177 -0.92 -15.91 30.68
C ASP D 177 -0.93 -15.22 32.03
N THR D 178 -0.83 -13.89 32.02
CA THR D 178 -0.89 -13.06 33.23
C THR D 178 0.22 -13.42 34.21
N THR D 179 1.44 -13.56 33.69
CA THR D 179 2.53 -14.10 34.50
C THR D 179 3.87 -13.64 33.95
N CYS D 180 4.72 -13.14 34.84
CA CYS D 180 6.13 -12.91 34.55
C CYS D 180 6.94 -14.05 35.15
N ALA D 181 8.13 -14.26 34.60
CA ALA D 181 8.96 -15.38 35.02
C ALA D 181 10.43 -14.99 35.00
N LEU D 182 11.21 -15.63 35.86
CA LEU D 182 12.66 -15.47 35.90
C LEU D 182 13.30 -16.79 35.54
N TRP D 183 14.18 -16.76 34.54
CA TRP D 183 14.75 -17.96 33.96
C TRP D 183 16.24 -18.07 34.27
N ASP D 184 16.72 -19.31 34.24
CA ASP D 184 18.13 -19.65 34.37
C ASP D 184 18.50 -20.36 33.09
N ILE D 185 19.35 -19.75 32.28
CA ILE D 185 19.52 -20.18 30.90
C ILE D 185 20.29 -21.49 30.83
N GLU D 186 21.20 -21.73 31.76
CA GLU D 186 21.97 -22.97 31.71
C GLU D 186 21.09 -24.18 31.96
N THR D 187 20.08 -24.04 32.82
CA THR D 187 19.19 -25.16 33.12
C THR D 187 17.91 -25.13 32.31
N GLY D 188 17.49 -23.98 31.82
CA GLY D 188 16.21 -23.89 31.15
C GLY D 188 15.04 -23.92 32.10
N GLN D 189 15.27 -23.66 33.37
CA GLN D 189 14.22 -23.75 34.37
C GLN D 189 13.77 -22.37 34.82
N GLN D 190 12.63 -22.37 35.49
CA GLN D 190 11.95 -21.18 35.95
C GLN D 190 12.24 -20.99 37.43
N THR D 191 13.10 -20.04 37.76
CA THR D 191 13.48 -19.81 39.13
C THR D 191 12.32 -19.28 39.96
N THR D 192 11.82 -18.10 39.61
CA THR D 192 10.69 -17.49 40.29
C THR D 192 9.60 -17.16 39.29
N THR D 193 8.37 -17.32 39.73
CA THR D 193 7.19 -16.99 38.95
C THR D 193 6.46 -15.87 39.66
N PHE D 194 5.99 -14.90 38.90
CA PHE D 194 5.34 -13.72 39.44
C PHE D 194 3.87 -13.72 39.05
N THR D 195 3.01 -13.59 40.03
CA THR D 195 1.57 -13.73 39.86
C THR D 195 0.89 -12.53 40.47
N GLY D 196 -0.25 -12.13 39.89
CA GLY D 196 -0.98 -11.02 40.44
C GLY D 196 -1.70 -10.19 39.41
N HIS D 197 -1.20 -10.17 38.19
CA HIS D 197 -1.86 -9.44 37.13
C HIS D 197 -3.07 -10.22 36.66
N THR D 198 -4.20 -9.54 36.54
CA THR D 198 -5.42 -10.16 36.05
C THR D 198 -5.57 -10.07 34.55
N GLY D 199 -4.64 -9.40 33.86
CA GLY D 199 -4.67 -9.29 32.42
C GLY D 199 -3.32 -9.63 31.82
N ASP D 200 -3.29 -9.61 30.50
CA ASP D 200 -2.08 -9.90 29.73
C ASP D 200 -1.00 -8.88 30.05
N VAL D 201 0.17 -9.37 30.47
CA VAL D 201 1.26 -8.47 30.86
C VAL D 201 2.00 -8.05 29.59
N MET D 202 2.00 -6.75 29.31
CA MET D 202 2.45 -6.25 28.03
C MET D 202 3.87 -5.71 28.03
N SER D 203 4.45 -5.38 29.18
CA SER D 203 5.75 -4.74 29.16
C SER D 203 6.47 -4.94 30.48
N LEU D 204 7.80 -4.80 30.42
CA LEU D 204 8.65 -4.77 31.59
C LEU D 204 9.67 -3.64 31.45
N SER D 205 10.28 -3.31 32.57
CA SER D 205 11.47 -2.46 32.57
C SER D 205 12.24 -2.74 33.84
N LEU D 206 13.51 -3.07 33.70
CA LEU D 206 14.36 -3.34 34.83
C LEU D 206 14.90 -2.05 35.43
N ALA D 207 15.15 -2.09 36.72
CA ALA D 207 15.78 -0.96 37.38
C ALA D 207 17.25 -0.89 36.98
N PRO D 208 17.88 0.28 37.14
CA PRO D 208 19.31 0.38 36.83
C PRO D 208 20.20 -0.57 37.62
N ASP D 209 19.82 -0.93 38.84
CA ASP D 209 20.63 -1.79 39.68
C ASP D 209 20.27 -3.26 39.56
N THR D 210 19.24 -3.60 38.80
CA THR D 210 18.76 -4.97 38.62
C THR D 210 18.38 -5.60 39.96
N ARG D 211 17.54 -4.89 40.72
CA ARG D 211 16.93 -5.42 41.93
C ARG D 211 15.41 -5.38 41.90
N LEU D 212 14.82 -4.57 41.03
CA LEU D 212 13.38 -4.50 40.87
C LEU D 212 13.06 -4.45 39.39
N PHE D 213 11.78 -4.64 39.08
CA PHE D 213 11.24 -4.33 37.77
C PHE D 213 9.76 -4.06 37.91
N VAL D 214 9.23 -3.26 37.01
CA VAL D 214 7.82 -2.93 36.99
C VAL D 214 7.21 -3.47 35.71
N SER D 215 6.01 -4.01 35.82
CA SER D 215 5.29 -4.56 34.69
C SER D 215 3.92 -3.92 34.59
N GLY D 216 3.45 -3.77 33.36
CA GLY D 216 2.16 -3.19 33.09
C GLY D 216 1.31 -4.09 32.24
N ALA D 217 0.10 -4.38 32.68
CA ALA D 217 -0.74 -5.36 32.00
C ALA D 217 -1.99 -4.70 31.43
N CYS D 218 -2.81 -5.52 30.78
CA CYS D 218 -4.07 -5.05 30.22
C CYS D 218 -5.19 -5.07 31.25
N ASP D 219 -4.90 -4.51 32.43
CA ASP D 219 -5.92 -4.22 33.43
C ASP D 219 -5.70 -2.86 34.07
N ALA D 220 -4.96 -1.97 33.40
CA ALA D 220 -4.71 -0.61 33.85
C ALA D 220 -4.01 -0.59 35.21
N SER D 221 -3.00 -1.44 35.35
CA SER D 221 -2.33 -1.59 36.63
C SER D 221 -0.86 -1.89 36.40
N ALA D 222 0.01 -1.12 37.05
CA ALA D 222 1.43 -1.41 37.10
C ALA D 222 1.82 -1.92 38.47
N LYS D 223 2.66 -2.95 38.50
CA LYS D 223 3.10 -3.58 39.73
C LYS D 223 4.62 -3.58 39.81
N LEU D 224 5.13 -3.48 41.03
CA LEU D 224 6.55 -3.49 41.31
C LEU D 224 6.93 -4.82 41.95
N TRP D 225 8.00 -5.43 41.45
CA TRP D 225 8.41 -6.75 41.92
C TRP D 225 9.83 -6.72 42.46
N ASP D 226 10.09 -7.59 43.43
CA ASP D 226 11.41 -7.83 43.97
C ASP D 226 11.96 -9.10 43.32
N VAL D 227 13.06 -8.95 42.58
CA VAL D 227 13.56 -10.06 41.78
C VAL D 227 14.09 -11.17 42.67
N ARG D 228 14.62 -10.84 43.84
CA ARG D 228 15.15 -11.88 44.68
C ARG D 228 14.17 -12.37 45.74
N GLU D 229 13.34 -11.49 46.31
CA GLU D 229 12.28 -11.97 47.19
C GLU D 229 11.07 -12.50 46.45
N GLY D 230 11.02 -12.33 45.13
CA GLY D 230 9.98 -12.95 44.33
C GLY D 230 8.57 -12.48 44.58
N MET D 231 8.40 -11.32 45.22
CA MET D 231 7.09 -10.85 45.64
C MET D 231 6.82 -9.46 45.07
N CYS D 232 5.54 -9.15 44.99
CA CYS D 232 5.11 -7.85 44.52
C CYS D 232 5.10 -6.86 45.67
N ARG D 233 5.66 -5.68 45.43
CA ARG D 233 5.81 -4.67 46.47
C ARG D 233 4.65 -3.67 46.47
N GLN D 234 4.52 -2.91 45.39
CA GLN D 234 3.49 -1.90 45.28
C GLN D 234 2.71 -2.07 43.98
N THR D 235 1.47 -1.57 43.98
CA THR D 235 0.62 -1.58 42.80
C THR D 235 0.16 -0.17 42.50
N PHE D 236 0.27 0.22 41.23
CA PHE D 236 0.00 1.59 40.81
C PHE D 236 -1.17 1.61 39.85
N THR D 237 -2.16 2.43 40.15
CA THR D 237 -3.31 2.64 39.27
C THR D 237 -3.37 4.10 38.86
N GLY D 238 -4.27 4.39 37.94
CA GLY D 238 -4.41 5.73 37.42
C GLY D 238 -4.80 5.77 35.96
N HIS D 239 -4.43 4.73 35.22
CA HIS D 239 -4.79 4.66 33.82
C HIS D 239 -6.21 4.12 33.65
N GLU D 240 -6.82 4.45 32.51
CA GLU D 240 -8.17 4.02 32.22
C GLU D 240 -8.24 2.87 31.22
N SER D 241 -7.12 2.49 30.61
CA SER D 241 -7.13 1.40 29.66
C SER D 241 -5.83 0.61 29.82
N ASP D 242 -5.56 -0.25 28.85
CA ASP D 242 -4.41 -1.13 28.89
C ASP D 242 -3.11 -0.36 28.85
N ILE D 243 -2.08 -0.91 29.50
CA ILE D 243 -0.76 -0.28 29.56
C ILE D 243 0.15 -0.97 28.56
N ASN D 244 0.63 -0.22 27.59
CA ASN D 244 1.41 -0.74 26.49
C ASN D 244 2.91 -0.61 26.69
N ALA D 245 3.37 0.48 27.32
CA ALA D 245 4.79 0.73 27.49
C ALA D 245 5.09 1.17 28.90
N ILE D 246 6.24 0.73 29.39
CA ILE D 246 6.78 1.15 30.67
C ILE D 246 8.28 1.40 30.51
N CYS D 247 8.74 2.54 31.01
CA CYS D 247 10.15 2.82 31.10
C CYS D 247 10.45 3.39 32.48
N PHE D 248 11.56 2.95 33.07
CA PHE D 248 12.04 3.51 34.32
C PHE D 248 12.64 4.90 34.12
N PHE D 249 12.61 5.70 35.17
CA PHE D 249 13.36 6.93 35.23
C PHE D 249 14.84 6.61 35.40
N PRO D 250 15.73 7.51 34.97
CA PRO D 250 17.16 7.21 35.05
C PRO D 250 17.72 6.89 36.43
N ASN D 251 17.07 7.27 37.52
CA ASN D 251 17.60 6.96 38.84
C ASN D 251 16.92 5.76 39.49
N GLY D 252 15.77 5.33 38.99
CA GLY D 252 15.08 4.20 39.56
C GLY D 252 14.07 4.54 40.63
N ASN D 253 13.69 5.80 40.76
CA ASN D 253 12.69 6.22 41.72
C ASN D 253 11.41 6.69 41.06
N ALA D 254 11.23 6.40 39.77
CA ALA D 254 10.02 6.75 39.06
C ALA D 254 9.95 5.91 37.82
N PHE D 255 8.80 5.97 37.14
CA PHE D 255 8.63 5.31 35.86
C PHE D 255 7.45 5.93 35.14
N ALA D 256 7.42 5.76 33.83
CA ALA D 256 6.38 6.31 32.99
C ALA D 256 5.72 5.22 32.17
N THR D 257 4.40 5.34 32.02
CA THR D 257 3.57 4.35 31.36
C THR D 257 2.79 5.00 30.23
N GLY D 258 2.58 4.25 29.15
CA GLY D 258 1.71 4.66 28.06
C GLY D 258 0.51 3.74 28.00
N SER D 259 -0.64 4.30 27.67
CA SER D 259 -1.86 3.51 27.65
C SER D 259 -2.57 3.68 26.32
N ASP D 260 -3.65 2.91 26.16
CA ASP D 260 -4.59 3.07 25.07
C ASP D 260 -5.55 4.23 25.27
N ASP D 261 -5.48 4.93 26.40
CA ASP D 261 -6.30 6.12 26.62
C ASP D 261 -5.60 7.39 26.20
N ALA D 262 -4.55 7.28 25.40
CA ALA D 262 -3.85 8.41 24.79
C ALA D 262 -3.15 9.29 25.81
N THR D 263 -2.75 8.73 26.94
CA THR D 263 -2.07 9.49 27.97
C THR D 263 -0.83 8.76 28.44
N CYS D 264 0.20 9.52 28.79
CA CYS D 264 1.27 9.03 29.63
C CYS D 264 1.09 9.54 31.05
N ARG D 265 1.62 8.80 32.00
CA ARG D 265 1.58 9.20 33.39
C ARG D 265 2.91 8.89 34.05
N LEU D 266 3.22 9.66 35.09
CA LEU D 266 4.47 9.54 35.82
C LEU D 266 4.16 9.13 37.24
N PHE D 267 4.75 8.03 37.70
CA PHE D 267 4.51 7.52 39.04
C PHE D 267 5.78 7.59 39.86
N ASP D 268 5.63 7.64 41.18
CA ASP D 268 6.74 7.62 42.11
C ASP D 268 6.73 6.37 42.97
N LEU D 269 7.90 5.82 43.21
CA LEU D 269 8.04 4.60 43.99
C LEU D 269 8.09 4.88 45.49
N ARG D 270 8.52 6.07 45.89
CA ARG D 270 8.60 6.41 47.30
C ARG D 270 7.40 7.17 47.81
N ALA D 271 6.65 7.83 46.93
CA ALA D 271 5.40 8.48 47.31
C ALA D 271 4.19 7.61 47.05
N ASP D 272 4.34 6.54 46.27
CA ASP D 272 3.27 5.62 45.90
C ASP D 272 2.10 6.38 45.27
N GLN D 273 2.41 7.19 44.27
CA GLN D 273 1.42 8.09 43.69
C GLN D 273 1.78 8.38 42.24
N GLU D 274 0.80 8.91 41.52
CA GLU D 274 0.98 9.47 40.21
C GLU D 274 1.21 10.97 40.32
N LEU D 275 2.19 11.46 39.58
CA LEU D 275 2.64 12.83 39.67
C LEU D 275 2.21 13.72 38.52
N MET D 276 2.16 13.18 37.30
CA MET D 276 1.95 14.02 36.13
C MET D 276 1.26 13.22 35.05
N THR D 277 0.39 13.87 34.30
CA THR D 277 -0.21 13.30 33.10
C THR D 277 0.25 14.13 31.90
N TYR D 278 0.60 13.45 30.83
CA TYR D 278 0.99 14.06 29.57
C TYR D 278 -0.08 13.74 28.54
N SER D 279 -1.00 14.68 28.35
CA SER D 279 -2.14 14.49 27.47
C SER D 279 -2.41 15.78 26.71
N HIS D 280 -3.06 15.64 25.56
CA HIS D 280 -3.47 16.77 24.73
C HIS D 280 -4.82 16.48 24.11
N ASP D 281 -5.57 17.54 23.82
CA ASP D 281 -6.93 17.39 23.32
C ASP D 281 -6.96 16.75 21.94
N ASN D 282 -5.93 16.99 21.14
CA ASN D 282 -5.88 16.48 19.77
C ASN D 282 -5.21 15.13 19.66
N ILE D 283 -5.05 14.40 20.75
CA ILE D 283 -4.42 13.08 20.77
C ILE D 283 -5.48 12.08 21.19
N ILE D 284 -5.98 11.30 20.25
CA ILE D 284 -7.03 10.33 20.54
C ILE D 284 -6.55 8.95 20.10
N CYS D 285 -5.25 8.83 19.85
CA CYS D 285 -4.62 7.58 19.49
C CYS D 285 -3.84 7.03 20.67
N GLY D 286 -3.83 5.71 20.80
CA GLY D 286 -3.11 5.08 21.89
C GLY D 286 -1.60 5.22 21.76
N ILE D 287 -0.93 4.88 22.85
CA ILE D 287 0.52 5.03 22.97
C ILE D 287 1.16 3.66 22.91
N THR D 288 2.24 3.55 22.13
CA THR D 288 2.94 2.29 21.91
C THR D 288 4.23 2.18 22.72
N SER D 289 5.09 3.17 22.65
CA SER D 289 6.41 3.10 23.27
C SER D 289 6.66 4.33 24.13
N VAL D 290 7.60 4.19 25.05
CA VAL D 290 7.95 5.22 26.03
C VAL D 290 9.45 5.17 26.26
N SER D 291 10.09 6.33 26.36
CA SER D 291 11.50 6.37 26.71
C SER D 291 11.84 7.70 27.37
N PHE D 292 12.76 7.66 28.31
CA PHE D 292 13.36 8.84 28.92
C PHE D 292 14.70 9.16 28.30
N SER D 293 15.07 10.44 28.39
CA SER D 293 16.39 10.89 28.02
C SER D 293 17.41 10.48 29.08
N LYS D 294 18.68 10.68 28.76
CA LYS D 294 19.73 10.35 29.72
C LYS D 294 19.65 11.21 30.98
N SER D 295 19.14 12.43 30.85
CA SER D 295 18.89 13.29 32.00
C SER D 295 17.53 13.03 32.64
N GLY D 296 16.55 12.58 31.86
CA GLY D 296 15.22 12.40 32.35
C GLY D 296 14.31 13.59 32.19
N ARG D 297 14.74 14.61 31.45
CA ARG D 297 13.97 15.83 31.30
C ARG D 297 13.01 15.77 30.13
N LEU D 298 13.27 14.92 29.15
CA LEU D 298 12.33 14.66 28.07
C LEU D 298 11.81 13.24 28.16
N LEU D 299 10.55 13.06 27.78
CA LEU D 299 9.89 11.77 27.70
C LEU D 299 9.44 11.59 26.26
N LEU D 300 9.98 10.59 25.60
CA LEU D 300 9.63 10.31 24.22
C LEU D 300 8.54 9.25 24.18
N ALA D 301 7.54 9.46 23.33
CA ALA D 301 6.38 8.58 23.28
C ALA D 301 5.94 8.40 21.83
N GLY D 302 5.76 7.15 21.42
CA GLY D 302 5.26 6.83 20.11
C GLY D 302 3.77 6.55 20.14
N TYR D 303 3.08 6.97 19.09
CA TYR D 303 1.63 6.91 19.03
C TYR D 303 1.17 6.19 17.78
N ASP D 304 -0.10 5.75 17.81
CA ASP D 304 -0.71 5.13 16.65
C ASP D 304 -1.01 6.09 15.52
N ASP D 305 -0.87 7.40 15.74
CA ASP D 305 -1.00 8.38 14.67
C ASP D 305 0.29 8.60 13.93
N PHE D 306 1.21 7.64 14.02
CA PHE D 306 2.44 7.51 13.23
C PHE D 306 3.50 8.51 13.64
N ASN D 307 3.30 9.26 14.72
CA ASN D 307 4.22 10.28 15.17
C ASN D 307 4.88 9.87 16.47
N CYS D 308 5.83 10.68 16.91
CA CYS D 308 6.50 10.51 18.19
C CYS D 308 6.64 11.87 18.83
N ASN D 309 5.89 12.12 19.89
CA ASN D 309 5.97 13.39 20.59
C ASN D 309 7.05 13.36 21.66
N VAL D 310 7.62 14.53 21.91
CA VAL D 310 8.69 14.70 22.88
C VAL D 310 8.18 15.64 23.95
N TRP D 311 7.97 15.12 25.15
CA TRP D 311 7.40 15.89 26.24
C TRP D 311 8.49 16.44 27.14
N ASP D 312 8.18 17.55 27.77
CA ASP D 312 8.93 17.98 28.93
C ASP D 312 8.49 17.14 30.11
N ALA D 313 9.42 16.44 30.76
CA ALA D 313 9.02 15.52 31.80
C ALA D 313 8.66 16.26 33.09
N LEU D 314 9.41 17.30 33.42
CA LEU D 314 9.14 18.07 34.62
C LEU D 314 7.98 19.03 34.45
N LYS D 315 7.44 19.13 33.25
CA LYS D 315 6.26 19.92 32.98
C LYS D 315 5.33 19.04 32.17
N ALA D 316 4.35 19.61 31.49
CA ALA D 316 3.48 18.83 30.64
C ALA D 316 3.35 19.51 29.29
N ASP D 317 4.48 19.92 28.73
CA ASP D 317 4.50 20.65 27.49
C ASP D 317 5.26 19.86 26.44
N ARG D 318 4.77 19.90 25.21
CA ARG D 318 5.40 19.20 24.10
C ARG D 318 6.53 20.04 23.54
N ALA D 319 7.72 19.43 23.48
CA ALA D 319 8.91 20.10 23.02
C ALA D 319 9.23 19.83 21.55
N GLY D 320 8.59 18.85 20.95
CA GLY D 320 8.86 18.54 19.56
C GLY D 320 8.03 17.37 19.11
N VAL D 321 8.06 17.14 17.81
CA VAL D 321 7.38 16.02 17.18
C VAL D 321 8.30 15.41 16.13
N LEU D 322 8.66 14.14 16.32
CA LEU D 322 9.35 13.37 15.30
C LEU D 322 8.31 12.88 14.30
N ALA D 323 8.43 13.32 13.05
CA ALA D 323 7.53 12.93 11.99
C ALA D 323 8.30 12.28 10.86
N GLY D 324 7.69 11.31 10.20
CA GLY D 324 8.39 10.65 9.12
C GLY D 324 8.07 9.20 8.85
N HIS D 325 7.47 8.51 9.81
CA HIS D 325 6.97 7.17 9.55
C HIS D 325 5.58 7.26 8.95
N ASP D 326 5.29 6.40 7.99
CA ASP D 326 3.97 6.35 7.39
C ASP D 326 3.21 5.10 7.77
N ASN D 327 3.50 4.56 8.96
CA ASN D 327 2.61 3.61 9.60
C ASN D 327 2.91 3.63 11.09
N ARG D 328 2.18 2.79 11.81
CA ARG D 328 2.17 2.75 13.27
C ARG D 328 3.56 2.56 13.85
N VAL D 329 4.08 3.56 14.54
CA VAL D 329 5.33 3.38 15.26
C VAL D 329 5.07 2.50 16.46
N SER D 330 5.94 1.51 16.68
CA SER D 330 5.76 0.53 17.71
C SER D 330 6.97 0.33 18.60
N CYS D 331 8.03 1.10 18.42
CA CYS D 331 9.32 0.81 19.04
C CYS D 331 10.02 2.12 19.31
N LEU D 332 10.60 2.25 20.49
CA LEU D 332 11.49 3.36 20.80
C LEU D 332 12.67 2.85 21.59
N GLY D 333 13.77 3.58 21.49
CA GLY D 333 14.89 3.30 22.35
C GLY D 333 15.91 4.38 22.29
N VAL D 334 16.34 4.87 23.43
CA VAL D 334 17.41 5.84 23.51
C VAL D 334 18.68 5.10 23.89
N THR D 335 19.79 5.52 23.31
CA THR D 335 21.07 4.88 23.55
C THR D 335 21.53 5.11 24.98
N ASP D 336 22.52 4.32 25.40
CA ASP D 336 23.03 4.42 26.75
C ASP D 336 23.74 5.73 27.00
N ASP D 337 24.45 6.26 26.01
CA ASP D 337 25.12 7.54 26.14
C ASP D 337 24.21 8.72 25.82
N GLY D 338 23.03 8.48 25.28
CA GLY D 338 22.10 9.55 25.03
C GLY D 338 22.28 10.28 23.74
N MET D 339 22.99 9.71 22.78
CA MET D 339 23.24 10.41 21.53
C MET D 339 22.04 10.36 20.61
N ALA D 340 21.50 9.18 20.33
CA ALA D 340 20.45 9.04 19.34
C ALA D 340 19.21 8.40 19.96
N VAL D 341 18.08 8.60 19.30
CA VAL D 341 16.85 7.88 19.55
C VAL D 341 16.48 7.15 18.27
N ALA D 342 16.08 5.89 18.41
CA ALA D 342 15.76 5.03 17.29
C ALA D 342 14.31 4.62 17.34
N THR D 343 13.61 4.81 16.23
CA THR D 343 12.21 4.45 16.10
C THR D 343 12.06 3.39 15.01
N GLY D 344 11.21 2.42 15.27
CA GLY D 344 10.78 1.48 14.26
C GLY D 344 9.29 1.61 14.06
N SER D 345 8.76 1.06 12.98
CA SER D 345 7.35 1.25 12.68
C SER D 345 6.87 0.13 11.78
N TRP D 346 5.57 0.10 11.56
CA TRP D 346 4.96 -0.97 10.77
C TRP D 346 5.17 -0.78 9.29
N ASP D 347 5.80 0.31 8.87
CA ASP D 347 6.24 0.48 7.51
C ASP D 347 7.58 -0.18 7.25
N SER D 348 8.03 -1.02 8.18
CA SER D 348 9.23 -1.83 8.03
C SER D 348 10.49 -0.99 7.89
N PHE D 349 10.55 0.12 8.62
CA PHE D 349 11.70 0.99 8.55
C PHE D 349 12.15 1.40 9.95
N LEU D 350 13.46 1.50 10.12
CA LEU D 350 14.06 2.03 11.34
C LEU D 350 14.69 3.37 11.02
N LYS D 351 14.61 4.29 11.97
CA LYS D 351 15.13 5.64 11.78
C LYS D 351 15.90 6.05 13.01
N ILE D 352 16.97 6.80 12.82
CA ILE D 352 17.83 7.26 13.91
C ILE D 352 17.86 8.78 13.89
N TRP D 353 17.52 9.38 15.03
CA TRP D 353 17.30 10.80 15.15
C TRP D 353 18.34 11.42 16.07
N ASN D 354 18.52 12.71 15.95
CA ASN D 354 19.60 13.39 16.62
C ASN D 354 19.35 14.89 16.56
N THR E 5 -15.51 -21.88 44.77
CA THR E 5 -14.69 -22.08 45.96
C THR E 5 -13.30 -21.49 45.73
N ALA E 6 -12.79 -21.61 44.50
CA ALA E 6 -11.52 -20.99 44.17
C ALA E 6 -11.58 -19.47 44.28
N SER E 7 -12.77 -18.89 44.10
CA SER E 7 -12.94 -17.47 44.34
C SER E 7 -12.63 -17.11 45.79
N ILE E 8 -12.84 -18.05 46.72
CA ILE E 8 -12.55 -17.77 48.13
C ILE E 8 -11.05 -17.61 48.32
N ALA E 9 -10.27 -18.53 47.78
CA ALA E 9 -8.81 -18.41 47.87
C ALA E 9 -8.32 -17.17 47.15
N GLN E 10 -8.90 -16.87 45.98
CA GLN E 10 -8.54 -15.66 45.25
C GLN E 10 -8.77 -14.41 46.10
N ALA E 11 -9.94 -14.32 46.73
CA ALA E 11 -10.26 -13.14 47.52
C ALA E 11 -9.36 -13.03 48.74
N ARG E 12 -9.05 -14.15 49.39
CA ARG E 12 -8.24 -14.02 50.60
C ARG E 12 -6.79 -13.69 50.27
N LYS E 13 -6.26 -14.24 49.16
CA LYS E 13 -4.91 -13.85 48.79
C LYS E 13 -4.86 -12.40 48.34
N LEU E 14 -5.97 -11.90 47.76
CA LEU E 14 -6.05 -10.48 47.46
C LEU E 14 -6.01 -9.65 48.74
N VAL E 15 -6.68 -10.12 49.79
CA VAL E 15 -6.65 -9.42 51.07
C VAL E 15 -5.24 -9.41 51.65
N GLU E 16 -4.54 -10.55 51.60
CA GLU E 16 -3.19 -10.58 52.18
C GLU E 16 -2.24 -9.70 51.39
N GLN E 17 -2.38 -9.66 50.06
CA GLN E 17 -1.53 -8.77 49.27
C GLN E 17 -1.82 -7.31 49.57
N LEU E 18 -3.09 -6.96 49.75
CA LEU E 18 -3.43 -5.58 50.10
C LEU E 18 -2.89 -5.22 51.47
N LYS E 19 -2.89 -6.16 52.40
CA LYS E 19 -2.31 -5.89 53.71
C LYS E 19 -0.80 -5.69 53.60
N MET E 20 -0.14 -6.47 52.75
CA MET E 20 1.31 -6.31 52.59
C MET E 20 1.67 -4.96 52.01
N GLU E 21 0.90 -4.50 51.03
CA GLU E 21 1.22 -3.23 50.39
C GLU E 21 0.53 -2.04 51.02
N ALA E 22 -0.23 -2.23 52.09
CA ALA E 22 -0.90 -1.10 52.73
C ALA E 22 -0.05 -0.46 53.82
N ASN E 23 0.97 -1.16 54.32
CA ASN E 23 1.84 -0.62 55.35
C ASN E 23 3.24 -0.46 54.77
N ILE E 24 3.48 0.67 54.12
CA ILE E 24 4.79 1.05 53.63
C ILE E 24 4.98 2.55 53.83
N ASP E 25 6.17 2.95 54.24
CA ASP E 25 6.45 4.34 54.58
C ASP E 25 6.56 5.20 53.33
N ARG E 26 5.75 6.25 53.29
CA ARG E 26 5.71 7.16 52.16
C ARG E 26 6.32 8.51 52.53
N ILE E 27 7.05 9.08 51.59
CA ILE E 27 7.52 10.45 51.69
C ILE E 27 6.52 11.34 50.99
N LYS E 28 6.58 12.63 51.27
CA LYS E 28 5.63 13.56 50.69
C LYS E 28 6.01 13.89 49.26
N VAL E 29 5.00 14.18 48.44
CA VAL E 29 5.18 14.35 47.00
C VAL E 29 6.08 15.53 46.69
N SER E 30 6.07 16.54 47.54
CA SER E 30 6.98 17.66 47.36
C SER E 30 8.43 17.20 47.40
N LYS E 31 8.76 16.27 48.31
CA LYS E 31 10.13 15.79 48.43
C LYS E 31 10.56 15.01 47.18
N ALA E 32 9.68 14.16 46.67
CA ALA E 32 10.03 13.36 45.51
C ALA E 32 10.11 14.21 44.25
N ALA E 33 9.26 15.24 44.15
CA ALA E 33 9.37 16.20 43.06
C ALA E 33 10.69 16.95 43.14
N ALA E 34 11.11 17.32 44.35
CA ALA E 34 12.39 17.98 44.51
C ALA E 34 13.55 17.08 44.07
N ASP E 35 13.45 15.78 44.39
CA ASP E 35 14.50 14.85 43.98
C ASP E 35 14.59 14.73 42.46
N LEU E 36 13.45 14.58 41.79
CA LEU E 36 13.48 14.46 40.34
C LEU E 36 13.95 15.75 39.69
N MET E 37 13.56 16.89 40.24
CA MET E 37 14.04 18.17 39.72
C MET E 37 15.55 18.31 39.87
N ALA E 38 16.09 17.88 41.01
CA ALA E 38 17.52 17.97 41.23
C ALA E 38 18.29 17.04 40.30
N TYR E 39 17.80 15.83 40.09
CA TYR E 39 18.47 14.93 39.16
C TYR E 39 18.43 15.46 37.75
N CYS E 40 17.32 16.06 37.35
CA CYS E 40 17.25 16.64 36.01
C CYS E 40 18.22 17.80 35.88
N GLU E 41 18.41 18.57 36.95
CA GLU E 41 19.30 19.73 36.89
C GLU E 41 20.77 19.33 36.92
N ALA E 42 21.10 18.24 37.61
CA ALA E 42 22.49 17.85 37.74
C ALA E 42 23.04 17.19 36.49
N HIS E 43 22.18 16.72 35.59
CA HIS E 43 22.62 16.02 34.39
C HIS E 43 22.17 16.73 33.13
N ALA E 44 21.86 18.02 33.23
CA ALA E 44 21.40 18.76 32.06
C ALA E 44 22.50 18.94 31.03
N LYS E 45 23.75 19.04 31.47
CA LYS E 45 24.85 19.29 30.56
C LYS E 45 25.40 18.02 29.93
N GLU E 46 25.04 16.86 30.45
CA GLU E 46 25.52 15.57 29.96
C GLU E 46 24.49 14.85 29.11
N ASP E 47 23.67 15.59 28.37
CA ASP E 47 22.54 15.01 27.64
C ASP E 47 22.50 15.54 26.21
N PRO E 48 22.86 14.72 25.22
CA PRO E 48 22.88 15.21 23.84
C PRO E 48 21.51 15.52 23.27
N LEU E 49 20.45 14.82 23.67
CA LEU E 49 19.16 15.06 23.07
C LEU E 49 18.54 16.36 23.55
N LEU E 50 18.95 16.85 24.71
CA LEU E 50 18.45 18.11 25.26
C LEU E 50 19.39 19.27 25.00
N THR E 51 20.70 19.02 25.08
CA THR E 51 21.70 19.98 24.64
C THR E 51 22.49 19.36 23.49
N PRO E 52 22.23 19.77 22.25
CA PRO E 52 22.89 19.12 21.11
C PRO E 52 24.41 19.26 21.14
N VAL E 53 25.05 18.43 20.34
CA VAL E 53 26.49 18.20 20.43
C VAL E 53 27.15 18.77 19.18
N PRO E 54 28.38 19.31 19.27
CA PRO E 54 29.04 19.80 18.06
C PRO E 54 29.27 18.68 17.07
N ALA E 55 29.11 19.00 15.79
CA ALA E 55 29.06 17.97 14.76
C ALA E 55 30.37 17.19 14.66
N SER E 56 31.45 17.73 15.20
CA SER E 56 32.67 16.94 15.35
C SER E 56 32.47 15.81 16.34
N GLU E 57 31.67 16.03 17.38
CA GLU E 57 31.44 15.05 18.42
C GLU E 57 30.18 14.23 18.20
N ASN E 58 29.39 14.54 17.16
CA ASN E 58 28.22 13.78 16.80
C ASN E 58 28.65 12.61 15.93
N PRO E 59 28.42 11.35 16.34
CA PRO E 59 28.91 10.23 15.56
C PRO E 59 28.02 9.85 14.39
N PHE E 60 26.99 10.63 14.09
CA PHE E 60 25.99 10.24 13.12
C PHE E 60 25.94 11.13 11.89
N ARG E 61 26.43 12.36 11.97
CA ARG E 61 26.70 13.13 10.76
C ARG E 61 27.77 14.17 11.11
N GLU E 62 29.01 13.89 10.71
CA GLU E 62 30.09 14.83 10.94
C GLU E 62 30.40 15.64 9.69
N GLN F 1 -9.00 4.63 39.70
CA GLN F 1 -9.20 3.22 39.46
C GLN F 1 -10.54 2.97 38.78
N VAL F 2 -10.54 2.11 37.75
CA VAL F 2 -11.77 1.75 37.08
C VAL F 2 -12.64 0.95 38.05
N GLN F 3 -13.85 1.43 38.28
CA GLN F 3 -14.76 0.80 39.23
C GLN F 3 -16.16 0.81 38.66
N LEU F 4 -16.81 -0.35 38.63
CA LEU F 4 -18.17 -0.49 38.14
C LEU F 4 -18.95 -1.32 39.13
N GLN F 5 -19.98 -0.74 39.73
CA GLN F 5 -20.81 -1.46 40.68
C GLN F 5 -22.27 -1.41 40.24
N GLU F 6 -22.86 -2.59 40.08
CA GLU F 6 -24.23 -2.73 39.64
C GLU F 6 -25.17 -2.79 40.83
N SER F 7 -26.44 -2.48 40.57
CA SER F 7 -27.43 -2.49 41.62
C SER F 7 -28.81 -2.74 41.01
N GLY F 8 -29.72 -3.23 41.84
CA GLY F 8 -31.12 -3.33 41.47
C GLY F 8 -31.68 -4.73 41.39
N GLY F 9 -30.84 -5.77 41.43
CA GLY F 9 -31.33 -7.12 41.31
C GLY F 9 -32.22 -7.52 42.46
N GLY F 10 -32.92 -8.62 42.27
CA GLY F 10 -33.80 -9.13 43.30
C GLY F 10 -34.61 -10.30 42.80
N LEU F 11 -35.59 -10.69 43.61
CA LEU F 11 -36.55 -11.71 43.22
C LEU F 11 -37.77 -11.04 42.62
N VAL F 12 -38.20 -11.52 41.47
CA VAL F 12 -39.27 -10.91 40.72
C VAL F 12 -40.31 -11.97 40.39
N GLN F 13 -41.57 -11.65 40.63
CA GLN F 13 -42.65 -12.52 40.19
C GLN F 13 -42.63 -12.59 38.67
N PRO F 14 -42.71 -13.79 38.07
CA PRO F 14 -42.64 -13.91 36.62
C PRO F 14 -43.69 -13.07 35.91
N GLY F 15 -43.23 -12.07 35.16
CA GLY F 15 -44.08 -11.05 34.61
C GLY F 15 -43.82 -9.68 35.18
N GLY F 16 -42.96 -9.58 36.18
CA GLY F 16 -42.65 -8.32 36.81
C GLY F 16 -41.63 -7.53 36.02
N SER F 17 -40.95 -6.63 36.74
CA SER F 17 -40.02 -5.72 36.08
C SER F 17 -38.91 -5.34 37.05
N LEU F 18 -37.80 -4.88 36.47
CA LEU F 18 -36.66 -4.41 37.23
C LEU F 18 -35.99 -3.28 36.46
N ARG F 19 -35.26 -2.44 37.19
CA ARG F 19 -34.42 -1.41 36.58
C ARG F 19 -33.03 -1.54 37.19
N LEU F 20 -32.12 -2.19 36.48
CA LEU F 20 -30.75 -2.30 36.92
C LEU F 20 -30.00 -1.01 36.61
N SER F 21 -29.04 -0.69 37.48
CA SER F 21 -28.26 0.52 37.35
C SER F 21 -26.81 0.19 37.55
N CYS F 22 -25.95 1.01 36.98
CA CYS F 22 -24.51 0.77 36.97
C CYS F 22 -23.80 2.09 37.18
N ALA F 23 -23.14 2.24 38.33
CA ALA F 23 -22.33 3.42 38.59
C ALA F 23 -20.90 3.16 38.16
N ALA F 24 -20.29 4.15 37.53
CA ALA F 24 -18.96 4.03 36.96
C ALA F 24 -18.06 5.09 37.54
N SER F 25 -16.81 4.72 37.83
CA SER F 25 -15.85 5.65 38.38
C SER F 25 -14.46 5.25 37.91
N GLY F 26 -13.65 6.24 37.62
CA GLY F 26 -12.27 6.02 37.23
C GLY F 26 -11.97 6.30 35.78
N PHE F 27 -12.94 6.73 34.99
CA PHE F 27 -12.72 6.98 33.58
C PHE F 27 -13.77 7.98 33.09
N THR F 28 -13.53 8.52 31.90
CA THR F 28 -14.49 9.42 31.25
C THR F 28 -15.58 8.56 30.63
N PHE F 29 -16.76 8.58 31.25
CA PHE F 29 -17.85 7.70 30.84
C PHE F 29 -18.31 7.97 29.42
N SER F 30 -18.03 9.16 28.90
CA SER F 30 -18.57 9.62 27.63
C SER F 30 -17.77 9.17 26.42
N ASN F 31 -16.58 8.62 26.62
CA ASN F 31 -15.73 8.19 25.52
C ASN F 31 -15.88 6.72 25.17
N TYR F 32 -16.76 5.99 25.84
CA TYR F 32 -16.77 4.55 25.70
C TYR F 32 -18.13 4.03 25.29
N LYS F 33 -18.14 2.76 24.90
CA LYS F 33 -19.34 2.03 24.57
C LYS F 33 -19.54 0.97 25.65
N MET F 34 -20.76 0.89 26.18
CA MET F 34 -21.05 0.12 27.38
C MET F 34 -21.91 -1.09 27.04
N ASN F 35 -21.83 -2.10 27.90
CA ASN F 35 -22.41 -3.41 27.62
C ASN F 35 -23.10 -3.96 28.85
N TRP F 36 -24.01 -4.89 28.61
CA TRP F 36 -24.58 -5.76 29.64
C TRP F 36 -24.32 -7.20 29.23
N VAL F 37 -23.65 -7.96 30.09
CA VAL F 37 -23.50 -9.39 29.86
C VAL F 37 -24.28 -10.15 30.92
N ARG F 38 -24.29 -11.47 30.82
CA ARG F 38 -25.22 -12.29 31.58
C ARG F 38 -24.61 -13.67 31.79
N GLN F 39 -24.77 -14.21 32.99
CA GLN F 39 -24.28 -15.55 33.31
C GLN F 39 -25.37 -16.34 34.02
N ALA F 40 -26.10 -17.15 33.27
CA ALA F 40 -27.07 -18.06 33.86
C ALA F 40 -26.32 -19.17 34.60
N PRO F 41 -26.94 -19.77 35.61
CA PRO F 41 -26.27 -20.87 36.33
C PRO F 41 -26.04 -22.05 35.41
N GLY F 42 -24.79 -22.49 35.32
CA GLY F 42 -24.43 -23.62 34.51
C GLY F 42 -24.06 -23.30 33.08
N LYS F 43 -24.20 -22.06 32.65
CA LYS F 43 -23.91 -21.67 31.28
C LYS F 43 -22.85 -20.58 31.26
N GLY F 44 -22.37 -20.29 30.05
CA GLY F 44 -21.30 -19.32 29.89
C GLY F 44 -21.82 -17.90 29.88
N LEU F 45 -20.88 -16.96 29.74
CA LEU F 45 -21.22 -15.54 29.65
C LEU F 45 -21.75 -15.22 28.27
N GLU F 46 -22.98 -14.74 28.20
CA GLU F 46 -23.56 -14.30 26.96
C GLU F 46 -23.78 -12.79 27.00
N TRP F 47 -24.14 -12.25 25.86
CA TRP F 47 -24.22 -10.81 25.64
C TRP F 47 -25.68 -10.38 25.55
N VAL F 48 -26.04 -9.31 26.25
CA VAL F 48 -27.41 -8.82 26.30
C VAL F 48 -27.61 -7.56 25.47
N SER F 49 -26.81 -6.53 25.68
CA SER F 49 -27.12 -5.25 25.06
C SER F 49 -25.91 -4.32 25.12
N ASP F 50 -25.77 -3.48 24.09
CA ASP F 50 -24.75 -2.46 24.06
C ASP F 50 -25.39 -1.08 23.88
N ILE F 51 -24.58 -0.04 24.03
CA ILE F 51 -24.99 1.32 23.73
C ILE F 51 -23.74 2.11 23.39
N SER F 52 -23.90 3.08 22.50
CA SER F 52 -22.76 3.83 21.97
C SER F 52 -22.37 4.95 22.93
N GLN F 53 -21.49 5.84 22.45
CA GLN F 53 -20.98 6.92 23.28
C GLN F 53 -22.08 7.93 23.60
N SER F 54 -22.67 8.52 22.57
CA SER F 54 -24.01 9.07 22.65
C SER F 54 -24.97 7.94 22.33
N GLY F 55 -26.09 7.90 23.04
CA GLY F 55 -26.98 6.76 22.90
C GLY F 55 -27.72 6.71 21.58
N ALA F 56 -26.97 6.70 20.48
CA ALA F 56 -27.55 6.70 19.15
C ALA F 56 -27.76 5.26 18.66
N SER F 57 -26.68 4.48 18.61
CA SER F 57 -26.78 3.08 18.24
C SER F 57 -27.04 2.25 19.49
N ILE F 58 -28.02 1.36 19.41
CA ILE F 58 -28.35 0.43 20.49
C ILE F 58 -28.60 -0.92 19.86
N SER F 59 -27.93 -1.95 20.36
CA SER F 59 -28.10 -3.31 19.87
C SER F 59 -28.59 -4.21 20.98
N TYR F 60 -29.46 -5.15 20.64
CA TYR F 60 -29.99 -6.13 21.58
C TYR F 60 -29.86 -7.52 21.02
N THR F 61 -29.76 -8.49 21.92
CA THR F 61 -29.80 -9.88 21.52
C THR F 61 -31.24 -10.26 21.21
N GLY F 62 -31.41 -11.41 20.55
CA GLY F 62 -32.71 -11.74 19.98
C GLY F 62 -33.79 -11.96 21.01
N SER F 63 -33.43 -12.53 22.15
CA SER F 63 -34.43 -12.91 23.14
C SER F 63 -34.78 -11.79 24.12
N VAL F 64 -34.29 -10.57 23.89
CA VAL F 64 -34.65 -9.42 24.72
C VAL F 64 -35.24 -8.27 23.91
N LYS F 65 -35.31 -8.37 22.58
CA LYS F 65 -35.82 -7.28 21.77
C LYS F 65 -37.31 -7.10 22.00
N GLY F 66 -37.70 -5.88 22.37
CA GLY F 66 -39.06 -5.59 22.78
C GLY F 66 -39.28 -5.57 24.27
N ARG F 67 -38.36 -6.12 25.05
CA ARG F 67 -38.51 -6.21 26.50
C ARG F 67 -37.49 -5.36 27.25
N PHE F 68 -36.23 -5.45 26.90
CA PHE F 68 -35.20 -4.71 27.60
C PHE F 68 -35.01 -3.35 26.96
N THR F 69 -34.53 -2.40 27.77
CA THR F 69 -34.22 -1.07 27.27
C THR F 69 -32.98 -0.56 27.97
N ILE F 70 -31.99 -0.14 27.17
CA ILE F 70 -30.76 0.41 27.68
C ILE F 70 -30.83 1.93 27.56
N SER F 71 -30.05 2.63 28.39
CA SER F 71 -29.98 4.09 28.38
C SER F 71 -28.79 4.56 29.21
N ARG F 72 -28.21 5.68 28.80
CA ARG F 72 -27.10 6.31 29.49
C ARG F 72 -27.53 7.63 30.12
N ASP F 73 -26.74 8.08 31.07
CA ASP F 73 -26.87 9.40 31.68
C ASP F 73 -25.44 9.85 31.92
N ASN F 74 -24.87 10.53 30.91
CA ASN F 74 -23.45 10.82 30.94
C ASN F 74 -23.09 11.84 32.00
N ALA F 75 -23.99 12.77 32.32
CA ALA F 75 -23.71 13.70 33.39
C ALA F 75 -23.72 13.02 34.75
N LYS F 76 -24.56 12.01 34.92
CA LYS F 76 -24.65 11.27 36.17
C LYS F 76 -23.79 10.01 36.17
N ASN F 77 -23.08 9.74 35.08
CA ASN F 77 -22.13 8.63 34.98
C ASN F 77 -22.79 7.28 35.23
N THR F 78 -24.07 7.16 34.91
CA THR F 78 -24.82 5.96 35.21
C THR F 78 -25.41 5.33 33.95
N LEU F 79 -25.36 4.02 33.90
CA LEU F 79 -25.93 3.21 32.82
C LEU F 79 -27.09 2.40 33.38
N TYR F 80 -28.13 2.23 32.59
CA TYR F 80 -29.36 1.60 33.03
C TYR F 80 -29.74 0.45 32.13
N LEU F 81 -30.59 -0.43 32.68
CA LEU F 81 -31.26 -1.49 31.94
C LEU F 81 -32.66 -1.66 32.50
N GLN F 82 -33.67 -1.55 31.65
CA GLN F 82 -35.05 -1.72 32.06
C GLN F 82 -35.55 -3.06 31.54
N MET F 83 -35.75 -4.00 32.45
CA MET F 83 -36.15 -5.36 32.13
C MET F 83 -37.64 -5.52 32.36
N ASN F 84 -38.38 -5.80 31.30
CA ASN F 84 -39.83 -5.89 31.34
C ASN F 84 -40.30 -7.24 30.84
N SER F 85 -41.44 -7.69 31.37
CA SER F 85 -42.07 -8.96 31.00
C SER F 85 -41.08 -10.11 31.17
N LEU F 86 -40.66 -10.32 32.41
CA LEU F 86 -39.57 -11.23 32.71
C LEU F 86 -40.02 -12.68 32.63
N LYS F 87 -39.09 -13.55 32.24
CA LYS F 87 -39.30 -14.97 32.09
C LYS F 87 -38.36 -15.74 33.02
N PRO F 88 -38.68 -16.99 33.34
CA PRO F 88 -37.74 -17.80 34.12
C PRO F 88 -36.41 -18.02 33.45
N GLU F 89 -36.32 -17.87 32.12
CA GLU F 89 -35.06 -17.99 31.40
C GLU F 89 -34.16 -16.78 31.57
N ASP F 90 -34.55 -15.81 32.38
CA ASP F 90 -33.77 -14.61 32.63
C ASP F 90 -33.05 -14.64 33.97
N THR F 91 -33.09 -15.76 34.67
CA THR F 91 -32.45 -15.89 35.98
C THR F 91 -30.94 -16.02 35.80
N ALA F 92 -30.22 -14.94 36.08
CA ALA F 92 -28.79 -14.92 35.88
C ALA F 92 -28.21 -13.73 36.61
N VAL F 93 -26.89 -13.75 36.77
CA VAL F 93 -26.19 -12.62 37.35
C VAL F 93 -25.75 -11.70 36.22
N TYR F 94 -26.09 -10.42 36.36
CA TYR F 94 -25.97 -9.45 35.29
C TYR F 94 -24.80 -8.53 35.58
N TYR F 95 -23.99 -8.27 34.57
CA TYR F 95 -22.79 -7.45 34.70
C TYR F 95 -22.87 -6.24 33.79
N CYS F 96 -22.05 -5.25 34.11
CA CYS F 96 -21.98 -3.98 33.40
C CYS F 96 -20.59 -3.84 32.83
N ALA F 97 -20.41 -4.24 31.58
CA ALA F 97 -19.08 -4.32 30.99
C ALA F 97 -18.80 -3.11 30.12
N ARG F 98 -17.54 -2.72 30.10
CA ARG F 98 -17.06 -1.57 29.38
C ARG F 98 -16.08 -2.03 28.30
N CYS F 99 -16.21 -1.46 27.11
CA CYS F 99 -15.27 -1.79 26.05
C CYS F 99 -13.90 -1.24 26.40
N PRO F 100 -12.83 -1.95 26.02
CA PRO F 100 -11.50 -1.62 26.51
C PRO F 100 -10.96 -0.24 26.12
N ALA F 101 -10.96 0.11 24.84
CA ALA F 101 -10.33 1.34 24.41
C ALA F 101 -11.36 2.38 24.00
N PRO F 102 -11.09 3.67 24.21
CA PRO F 102 -12.06 4.70 23.86
C PRO F 102 -12.07 5.00 22.37
N PHE F 103 -13.16 5.62 21.94
CA PHE F 103 -13.34 6.14 20.58
C PHE F 103 -13.26 5.04 19.53
N THR F 104 -13.54 3.81 19.90
CA THR F 104 -13.41 2.67 19.00
C THR F 104 -14.77 2.14 18.61
N ARG F 105 -14.95 1.89 17.32
CA ARG F 105 -16.19 1.29 16.83
C ARG F 105 -16.35 -0.14 17.28
N ASP F 106 -15.25 -0.83 17.56
CA ASP F 106 -15.26 -2.22 17.97
C ASP F 106 -14.85 -2.33 19.43
N CYS F 107 -15.24 -3.44 20.05
CA CYS F 107 -14.65 -3.83 21.33
C CYS F 107 -14.84 -5.33 21.50
N PHE F 108 -13.79 -5.96 22.03
CA PHE F 108 -13.51 -7.36 21.75
C PHE F 108 -14.01 -8.33 22.80
N ASP F 109 -13.41 -8.30 23.99
CA ASP F 109 -13.34 -9.49 24.83
C ASP F 109 -14.19 -9.34 26.08
N VAL F 110 -15.43 -8.90 25.89
CA VAL F 110 -16.28 -8.54 27.01
C VAL F 110 -16.80 -9.79 27.71
N THR F 111 -17.12 -10.84 26.96
CA THR F 111 -17.65 -12.07 27.53
C THR F 111 -16.55 -13.09 27.84
N SER F 112 -15.36 -12.63 28.15
CA SER F 112 -14.28 -13.51 28.55
C SER F 112 -14.34 -13.77 30.04
N THR F 113 -13.82 -14.94 30.44
CA THR F 113 -13.95 -15.36 31.83
C THR F 113 -13.11 -14.50 32.76
N THR F 114 -12.06 -13.86 32.26
CA THR F 114 -11.22 -12.95 33.03
C THR F 114 -11.14 -11.63 32.28
N TYR F 115 -12.13 -10.76 32.47
CA TYR F 115 -12.16 -9.46 31.81
C TYR F 115 -12.10 -8.37 32.86
N ALA F 116 -11.19 -7.41 32.66
CA ALA F 116 -10.84 -6.47 33.71
C ALA F 116 -11.94 -5.43 33.92
N TYR F 117 -12.51 -4.92 32.86
CA TYR F 117 -13.43 -3.79 32.96
C TYR F 117 -14.89 -4.23 33.07
N ARG F 118 -15.12 -5.12 34.01
CA ARG F 118 -16.44 -5.69 34.28
C ARG F 118 -16.72 -5.57 35.76
N GLY F 119 -17.98 -5.28 36.10
CA GLY F 119 -18.38 -5.23 37.49
C GLY F 119 -18.43 -6.59 38.13
N GLN F 120 -18.77 -6.61 39.41
CA GLN F 120 -18.86 -7.87 40.14
C GLN F 120 -20.20 -8.56 39.95
N GLY F 121 -21.22 -7.86 39.50
CA GLY F 121 -22.48 -8.47 39.12
C GLY F 121 -23.59 -8.19 40.13
N THR F 122 -24.81 -8.48 39.68
CA THR F 122 -25.99 -8.46 40.52
C THR F 122 -26.90 -9.59 40.07
N GLN F 123 -27.62 -10.17 41.03
CA GLN F 123 -28.40 -11.37 40.81
C GLN F 123 -29.85 -11.00 40.52
N VAL F 124 -30.39 -11.55 39.44
CA VAL F 124 -31.82 -11.50 39.15
C VAL F 124 -32.29 -12.93 39.04
N THR F 125 -33.30 -13.29 39.84
CA THR F 125 -33.85 -14.64 39.84
C THR F 125 -35.36 -14.53 39.65
N VAL F 126 -35.82 -14.80 38.44
CA VAL F 126 -37.25 -14.86 38.16
C VAL F 126 -37.79 -16.25 38.45
#